data_9EQ1
#
_entry.id   9EQ1
#
_cell.length_a   126.743
_cell.length_b   126.743
_cell.length_c   125.725
_cell.angle_alpha   90.00
_cell.angle_beta   90.00
_cell.angle_gamma   90.00
#
_symmetry.space_group_name_H-M   'P 43 21 2'
#
loop_
_entity.id
_entity.type
_entity.pdbx_description
1 polymer 'Casein kinase II subunit alpha'
2 non-polymer 'SULFATE ION'
3 non-polymer 1,2-ETHANEDIOL
4 non-polymer 'methyl 2-[1,3-benzothiazol-6-ylsulfonyl-[5-[(3-chloranyl-4-phenyl-phenyl)methylamino]pentyl]amino]ethanoate'
5 water water
#
_entity_poly.entity_id   1
_entity_poly.type   'polypeptide(L)'
_entity_poly.pdbx_seq_one_letter_code
;SMSGPVPSRARVYTDVNTHRPREYWDYESHVVEWGNQDDYQLVRKLGRGKYSEVFEAINITNNEKVVVKILKPVKKKKIK
REIKILENLRGGPNIITLADIVKDPVSRTPALVFEHVNNTDFKQLYQTLTDYDIRFYMYEILKALDYCHSMGIMHRDVKP
HNVMIDHEHRKLRLIDWGLAEFYHPGQEYNVRVASRYFKGPELLVDYQMYDYSLDMWSLGCMLASMIFRKEPFFHGHDNY
DQLVRIAKVLGTEDLYDYIDKYNIELDPRFNDILGRHSRKRWERFVHSENQHLVSPEALDFLDKLLRYDHQSRLTAREAM
EHPYFYTVVKDQARMGSS
;
_entity_poly.pdbx_strand_id   A,B
#
loop_
_chem_comp.id
_chem_comp.type
_chem_comp.name
_chem_comp.formula
A1H6J non-polymer 'methyl 2-[1,3-benzothiazol-6-ylsulfonyl-[5-[(3-chloranyl-4-phenyl-phenyl)methylamino]pentyl]amino]ethanoate' 'C28 H30 Cl N3 O4 S2'
EDO non-polymer 1,2-ETHANEDIOL 'C2 H6 O2'
SO4 non-polymer 'SULFATE ION' 'O4 S -2'
#
# COMPACT_ATOMS: atom_id res chain seq x y z
N SER A 3 -24.50 -4.44 -29.67
CA SER A 3 -24.15 -3.98 -28.30
C SER A 3 -23.16 -2.82 -28.42
N GLY A 4 -21.88 -3.13 -28.66
CA GLY A 4 -20.88 -2.10 -28.78
C GLY A 4 -20.41 -1.60 -27.40
N PRO A 5 -19.24 -0.92 -27.36
CA PRO A 5 -18.65 -0.49 -26.10
C PRO A 5 -19.56 0.47 -25.36
N VAL A 6 -19.50 0.41 -24.03
CA VAL A 6 -20.23 1.36 -23.22
C VAL A 6 -19.49 2.69 -23.31
N PRO A 7 -20.20 3.82 -23.49
CA PRO A 7 -19.55 5.12 -23.59
C PRO A 7 -19.02 5.58 -22.23
N SER A 8 -18.14 6.59 -22.28
CA SER A 8 -17.48 7.15 -21.11
C SER A 8 -17.32 8.65 -21.27
N ARG A 9 -17.40 9.33 -20.12
CA ARG A 9 -17.08 10.73 -20.03
C ARG A 9 -15.91 10.85 -19.08
N ALA A 10 -15.34 12.05 -19.04
CA ALA A 10 -14.32 12.40 -18.07
C ALA A 10 -14.98 12.86 -16.79
N ARG A 11 -14.49 12.35 -15.66
CA ARG A 11 -14.94 12.77 -14.35
C ARG A 11 -14.64 14.25 -14.08
N VAL A 12 -13.67 14.86 -14.77
CA VAL A 12 -13.42 16.27 -14.56
C VAL A 12 -13.12 16.94 -15.88
N TYR A 13 -13.27 18.26 -15.85
CA TYR A 13 -13.01 19.13 -16.98
C TYR A 13 -13.77 18.66 -18.20
N THR A 14 -14.99 18.15 -17.98
CA THR A 14 -15.69 17.43 -19.02
C THR A 14 -16.04 18.39 -20.16
N ASP A 15 -16.81 19.45 -19.83
CA ASP A 15 -17.40 20.28 -20.88
C ASP A 15 -16.60 21.57 -21.06
N VAL A 16 -15.31 21.55 -20.78
CA VAL A 16 -14.54 22.79 -20.72
C VAL A 16 -14.45 23.43 -22.11
N ASN A 17 -14.28 22.58 -23.13
CA ASN A 17 -14.04 23.06 -24.48
C ASN A 17 -15.36 23.46 -25.13
N THR A 18 -16.46 22.86 -24.67
CA THR A 18 -17.76 23.19 -25.20
C THR A 18 -18.10 24.65 -24.86
N HIS A 19 -17.67 25.08 -23.68
CA HIS A 19 -17.98 26.40 -23.16
C HIS A 19 -17.03 27.44 -23.75
N ARG A 20 -16.15 27.03 -24.69
CA ARG A 20 -15.25 28.00 -25.29
C ARG A 20 -15.68 28.34 -26.71
N PRO A 21 -15.22 29.48 -27.27
CA PRO A 21 -15.38 29.77 -28.69
C PRO A 21 -14.84 28.61 -29.53
N ARG A 22 -15.43 28.34 -30.70
CA ARG A 22 -15.05 27.15 -31.44
C ARG A 22 -13.57 27.26 -31.82
N GLU A 23 -13.12 28.49 -32.14
CA GLU A 23 -11.76 28.69 -32.63
C GLU A 23 -10.77 28.15 -31.61
N TYR A 24 -11.14 28.14 -30.32
CA TYR A 24 -10.27 27.61 -29.27
C TYR A 24 -9.81 26.18 -29.58
N TRP A 25 -10.77 25.33 -30.00
CA TRP A 25 -10.53 23.91 -30.19
C TRP A 25 -10.66 23.47 -31.64
N ASP A 26 -11.37 24.21 -32.48
CA ASP A 26 -11.52 23.83 -33.87
C ASP A 26 -10.31 24.25 -34.68
N TYR A 27 -9.21 23.51 -34.55
CA TYR A 27 -7.89 24.04 -34.92
C TYR A 27 -7.71 24.00 -36.42
N GLU A 28 -8.41 23.09 -37.09
CA GLU A 28 -8.40 23.06 -38.54
C GLU A 28 -8.62 24.48 -39.06
N SER A 29 -9.36 25.30 -38.29
CA SER A 29 -9.73 26.70 -38.56
C SER A 29 -8.55 27.65 -38.50
N HIS A 30 -7.41 27.20 -37.97
CA HIS A 30 -6.39 28.10 -37.45
C HIS A 30 -5.45 28.51 -38.58
N VAL A 31 -5.32 29.82 -38.82
CA VAL A 31 -4.32 30.34 -39.75
C VAL A 31 -3.00 30.49 -39.00
N VAL A 32 -1.91 30.16 -39.67
CA VAL A 32 -0.58 30.30 -39.11
C VAL A 32 0.15 31.46 -39.80
N GLU A 33 0.59 32.42 -38.99
CA GLU A 33 1.46 33.48 -39.45
C GLU A 33 2.91 33.09 -39.24
N TRP A 34 3.60 32.91 -40.37
CA TRP A 34 5.02 32.61 -40.44
C TRP A 34 5.86 33.83 -40.06
N GLY A 35 6.67 33.69 -39.00
CA GLY A 35 7.75 34.61 -38.70
C GLY A 35 8.91 34.46 -39.69
N ASN A 36 9.98 35.22 -39.44
CA ASN A 36 11.06 35.41 -40.41
C ASN A 36 12.24 34.49 -40.06
N GLN A 37 12.43 33.46 -40.90
CA GLN A 37 13.37 32.36 -40.66
C GLN A 37 14.80 32.85 -40.60
N ASP A 38 15.04 34.10 -40.99
CA ASP A 38 16.36 34.68 -41.02
C ASP A 38 16.69 35.29 -39.66
N ASP A 39 15.73 35.28 -38.73
CA ASP A 39 16.02 35.86 -37.44
C ASP A 39 16.89 34.86 -36.66
N TYR A 40 16.77 33.56 -36.96
CA TYR A 40 17.42 32.51 -36.18
C TYR A 40 18.53 31.84 -36.99
N GLN A 41 19.66 31.63 -36.33
CA GLN A 41 20.77 30.85 -36.89
C GLN A 41 20.97 29.63 -36.01
N LEU A 42 21.11 28.46 -36.63
CA LEU A 42 21.18 27.25 -35.86
C LEU A 42 22.63 27.00 -35.46
N VAL A 43 22.81 26.53 -34.22
CA VAL A 43 24.11 26.40 -33.60
C VAL A 43 24.51 24.93 -33.67
N ARG A 44 23.68 24.05 -33.09
CA ARG A 44 24.05 22.65 -33.01
C ARG A 44 22.81 21.80 -32.85
N LYS A 45 22.87 20.55 -33.31
CA LYS A 45 21.71 19.68 -33.19
C LYS A 45 21.60 19.19 -31.75
N LEU A 46 20.42 19.20 -31.19
CA LEU A 46 20.23 18.75 -29.83
C LEU A 46 19.60 17.36 -29.84
N GLY A 47 18.74 17.01 -30.80
CA GLY A 47 18.13 15.69 -30.82
C GLY A 47 17.48 15.36 -32.16
N ARG A 48 17.02 14.10 -32.30
CA ARG A 48 16.26 13.64 -33.46
C ARG A 48 15.15 12.79 -32.86
N GLY A 49 13.94 12.83 -33.44
CA GLY A 49 12.80 12.20 -32.76
C GLY A 49 11.58 11.85 -33.64
N LYS A 50 11.86 11.23 -34.81
CA LYS A 50 10.87 10.52 -35.64
C LYS A 50 10.05 11.51 -36.47
N TYR A 51 9.43 12.50 -35.79
CA TYR A 51 8.64 13.54 -36.43
C TYR A 51 9.39 14.88 -36.52
N SER A 52 10.49 15.04 -35.77
CA SER A 52 11.15 16.34 -35.67
C SER A 52 12.63 16.19 -35.35
N GLU A 53 13.41 17.18 -35.77
CA GLU A 53 14.75 17.39 -35.25
C GLU A 53 14.80 18.66 -34.42
N VAL A 54 15.71 18.69 -33.46
CA VAL A 54 15.79 19.80 -32.54
C VAL A 54 17.19 20.37 -32.54
N PHE A 55 17.28 21.70 -32.57
CA PHE A 55 18.55 22.39 -32.64
C PHE A 55 18.59 23.49 -31.61
N GLU A 56 19.75 23.76 -31.04
CA GLU A 56 19.97 25.01 -30.35
C GLU A 56 20.35 26.05 -31.40
N ALA A 57 19.72 27.21 -31.27
CA ALA A 57 19.86 28.30 -32.20
C ALA A 57 19.81 29.64 -31.46
N ILE A 58 20.12 30.70 -32.20
CA ILE A 58 20.23 32.02 -31.61
C ILE A 58 19.43 32.99 -32.46
N ASN A 59 18.72 33.89 -31.81
CA ASN A 59 17.87 34.85 -32.48
C ASN A 59 18.65 36.14 -32.59
N ILE A 60 19.10 36.46 -33.80
CA ILE A 60 20.06 37.54 -34.00
C ILE A 60 19.38 38.91 -33.85
N THR A 61 18.04 38.98 -33.86
CA THR A 61 17.33 40.17 -33.44
C THR A 61 17.85 40.65 -32.09
N ASN A 62 17.85 39.80 -31.07
CA ASN A 62 18.12 40.23 -29.71
C ASN A 62 19.20 39.40 -29.03
N ASN A 63 19.66 38.31 -29.64
CA ASN A 63 20.78 37.53 -29.12
C ASN A 63 20.35 36.64 -27.97
N GLU A 64 19.09 36.18 -27.94
CA GLU A 64 18.68 35.25 -26.90
C GLU A 64 18.86 33.86 -27.48
N LYS A 65 19.36 32.93 -26.64
CA LYS A 65 19.45 31.53 -27.00
C LYS A 65 18.01 31.00 -27.06
N VAL A 66 17.82 29.87 -27.76
CA VAL A 66 16.52 29.51 -28.26
C VAL A 66 16.61 28.08 -28.78
N VAL A 67 15.50 27.36 -28.84
CA VAL A 67 15.52 26.03 -29.43
C VAL A 67 14.59 26.04 -30.64
N VAL A 68 15.08 25.51 -31.76
CA VAL A 68 14.24 25.34 -32.93
C VAL A 68 13.95 23.86 -33.15
N LYS A 69 12.66 23.52 -33.32
CA LYS A 69 12.22 22.18 -33.65
C LYS A 69 11.77 22.13 -35.11
N ILE A 70 12.61 21.58 -35.98
CA ILE A 70 12.23 21.48 -37.37
C ILE A 70 11.37 20.24 -37.58
N LEU A 71 10.16 20.42 -38.13
CA LEU A 71 9.24 19.31 -38.33
C LEU A 71 9.59 18.58 -39.63
N LYS A 72 9.40 17.26 -39.56
CA LYS A 72 9.32 16.40 -40.71
C LYS A 72 7.91 16.45 -41.24
N PRO A 73 7.65 16.13 -42.51
CA PRO A 73 6.29 16.23 -43.05
C PRO A 73 5.26 15.59 -42.12
N VAL A 74 4.24 16.38 -41.78
CA VAL A 74 3.04 15.89 -41.11
C VAL A 74 1.87 16.69 -41.66
N LYS A 75 0.69 16.08 -41.57
CA LYS A 75 -0.52 16.69 -42.06
C LYS A 75 -0.69 18.05 -41.38
N LYS A 76 -1.05 19.06 -42.18
CA LYS A 76 -1.13 20.42 -41.71
C LYS A 76 -2.07 20.48 -40.54
N LYS A 77 -3.17 19.73 -40.61
CA LYS A 77 -4.11 19.69 -39.49
C LYS A 77 -3.39 19.37 -38.18
N LYS A 78 -2.35 18.50 -38.19
CA LYS A 78 -1.65 18.10 -36.97
C LYS A 78 -0.68 19.20 -36.50
N ILE A 79 -0.13 19.96 -37.46
CA ILE A 79 0.76 21.09 -37.18
C ILE A 79 -0.04 22.23 -36.56
N LYS A 80 -1.19 22.51 -37.17
CA LYS A 80 -2.18 23.43 -36.62
C LYS A 80 -2.50 22.99 -35.21
N ARG A 81 -2.78 21.70 -35.03
CA ARG A 81 -3.19 21.23 -33.72
C ARG A 81 -2.10 21.53 -32.70
N GLU A 82 -0.85 21.20 -33.03
CA GLU A 82 0.23 21.45 -32.09
C GLU A 82 0.35 22.93 -31.78
N ILE A 83 0.26 23.78 -32.80
CA ILE A 83 0.43 25.21 -32.59
C ILE A 83 -0.72 25.76 -31.73
N LYS A 84 -1.95 25.32 -31.95
CA LYS A 84 -3.06 25.87 -31.20
C LYS A 84 -2.92 25.51 -29.72
N ILE A 85 -2.56 24.26 -29.45
CA ILE A 85 -2.45 23.77 -28.10
C ILE A 85 -1.33 24.51 -27.37
N LEU A 86 -0.22 24.72 -28.06
CA LEU A 86 0.90 25.44 -27.50
C LEU A 86 0.48 26.88 -27.17
N GLU A 87 -0.29 27.50 -28.07
CA GLU A 87 -0.74 28.85 -27.87
C GLU A 87 -1.73 28.83 -26.72
N ASN A 88 -2.73 27.94 -26.76
CA ASN A 88 -3.70 27.84 -25.68
C ASN A 88 -3.00 27.66 -24.32
N LEU A 89 -1.89 26.91 -24.28
CA LEU A 89 -1.29 26.50 -23.02
C LEU A 89 -0.16 27.43 -22.59
N ARG A 90 0.32 28.30 -23.49
CA ARG A 90 1.47 29.17 -23.25
C ARG A 90 1.33 29.91 -21.93
N GLY A 91 2.41 29.98 -21.14
CA GLY A 91 2.37 30.71 -19.87
C GLY A 91 1.80 29.88 -18.72
N GLY A 92 1.16 28.75 -19.06
CA GLY A 92 0.71 27.79 -18.06
C GLY A 92 1.87 27.15 -17.32
N PRO A 93 1.64 26.62 -16.11
CA PRO A 93 2.73 26.06 -15.31
C PRO A 93 3.54 24.95 -15.98
N ASN A 94 4.86 25.14 -16.06
CA ASN A 94 5.75 24.13 -16.57
C ASN A 94 5.40 23.71 -18.00
N ILE A 95 4.70 24.59 -18.73
CA ILE A 95 4.43 24.36 -20.13
C ILE A 95 5.49 25.10 -20.95
N ILE A 96 6.05 24.37 -21.92
CA ILE A 96 7.04 24.94 -22.81
C ILE A 96 6.40 26.15 -23.52
N THR A 97 7.23 27.11 -23.89
CA THR A 97 6.73 28.36 -24.41
C THR A 97 7.10 28.50 -25.88
N LEU A 98 6.09 28.50 -26.74
CA LEU A 98 6.29 28.66 -28.17
C LEU A 98 6.52 30.13 -28.48
N ALA A 99 7.65 30.44 -29.10
CA ALA A 99 8.04 31.83 -29.25
C ALA A 99 7.80 32.29 -30.68
N ASP A 100 7.96 31.42 -31.66
CA ASP A 100 7.79 31.84 -33.03
C ASP A 100 7.54 30.61 -33.87
N ILE A 101 7.19 30.82 -35.13
CA ILE A 101 6.92 29.78 -36.09
C ILE A 101 7.52 30.25 -37.40
N VAL A 102 8.32 29.43 -38.05
CA VAL A 102 9.02 29.85 -39.26
C VAL A 102 9.04 28.70 -40.26
N LYS A 103 9.00 29.09 -41.53
CA LYS A 103 9.04 28.19 -42.66
C LYS A 103 10.43 28.38 -43.20
N ASP A 104 11.16 27.33 -43.57
CA ASP A 104 12.25 27.59 -44.50
C ASP A 104 11.62 28.14 -45.79
N PRO A 105 12.18 29.17 -46.47
CA PRO A 105 11.61 29.62 -47.74
C PRO A 105 11.69 28.58 -48.85
N VAL A 106 12.61 27.61 -48.74
CA VAL A 106 12.80 26.59 -49.82
C VAL A 106 12.37 25.23 -49.28
N SER A 107 13.04 24.71 -48.26
CA SER A 107 12.72 23.35 -47.72
C SER A 107 11.23 23.26 -47.41
N ARG A 108 10.57 24.38 -47.14
CA ARG A 108 9.11 24.40 -46.90
C ARG A 108 8.79 23.60 -45.65
N THR A 109 9.80 23.16 -44.91
CA THR A 109 9.56 22.46 -43.62
C THR A 109 9.23 23.52 -42.57
N PRO A 110 8.15 23.35 -41.78
CA PRO A 110 7.84 24.30 -40.72
C PRO A 110 8.74 24.11 -39.49
N ALA A 111 8.99 25.18 -38.75
CA ALA A 111 9.91 25.07 -37.61
C ALA A 111 9.39 25.84 -36.42
N LEU A 112 9.04 25.13 -35.35
CA LEU A 112 8.64 25.79 -34.13
C LEU A 112 9.87 26.26 -33.37
N VAL A 113 9.83 27.50 -32.86
CA VAL A 113 10.89 28.05 -32.03
C VAL A 113 10.39 28.18 -30.61
N PHE A 114 11.21 27.74 -29.63
CA PHE A 114 10.82 27.79 -28.23
C PHE A 114 11.85 28.54 -27.38
N GLU A 115 11.39 28.99 -26.20
CA GLU A 115 12.26 29.49 -25.15
C GLU A 115 13.34 28.44 -24.90
N HIS A 116 14.55 28.88 -24.57
CA HIS A 116 15.63 27.95 -24.24
C HIS A 116 15.33 27.35 -22.87
N VAL A 117 15.45 26.02 -22.78
CA VAL A 117 15.57 25.38 -21.49
C VAL A 117 16.70 24.35 -21.56
N ASN A 118 17.47 24.25 -20.47
CA ASN A 118 18.57 23.32 -20.42
C ASN A 118 18.01 22.01 -19.89
N ASN A 119 18.53 20.87 -20.36
CA ASN A 119 18.15 19.60 -19.75
C ASN A 119 19.40 18.96 -19.14
N THR A 120 19.44 18.84 -17.79
CA THR A 120 20.61 18.24 -17.15
C THR A 120 20.71 16.78 -17.57
N ASP A 121 21.96 16.34 -17.76
CA ASP A 121 22.25 14.99 -18.24
C ASP A 121 21.51 13.98 -17.39
N PHE A 122 21.21 12.81 -17.97
CA PHE A 122 20.50 11.77 -17.25
C PHE A 122 21.47 11.01 -16.35
N LYS A 123 22.78 11.27 -16.49
CA LYS A 123 23.82 10.72 -15.61
C LYS A 123 23.78 11.37 -14.23
N GLN A 124 23.99 12.71 -14.19
CA GLN A 124 23.93 13.50 -12.97
C GLN A 124 22.54 13.41 -12.32
N LEU A 125 21.47 13.23 -13.11
CA LEU A 125 20.11 13.17 -12.59
C LEU A 125 19.87 11.84 -11.85
N TYR A 126 19.81 10.73 -12.61
CA TYR A 126 19.25 9.46 -12.13
C TYR A 126 19.93 8.99 -10.84
N GLN A 127 21.24 9.19 -10.77
CA GLN A 127 22.04 8.64 -9.68
C GLN A 127 21.96 9.52 -8.43
N THR A 128 21.42 10.76 -8.54
CA THR A 128 21.43 11.68 -7.41
C THR A 128 20.05 12.20 -7.02
N LEU A 129 18.97 11.54 -7.44
CA LEU A 129 17.67 12.19 -7.34
C LEU A 129 17.13 12.24 -5.90
N THR A 130 16.98 11.09 -5.25
CA THR A 130 16.45 11.01 -3.89
C THR A 130 14.93 11.12 -3.89
N ASP A 131 14.34 10.55 -2.85
CA ASP A 131 12.89 10.49 -2.67
C ASP A 131 12.32 11.90 -2.85
N TYR A 132 12.94 12.88 -2.18
CA TYR A 132 12.41 14.22 -2.14
C TYR A 132 12.32 14.79 -3.55
N ASP A 133 13.44 14.74 -4.27
CA ASP A 133 13.51 15.34 -5.60
C ASP A 133 12.46 14.73 -6.52
N ILE A 134 12.20 13.43 -6.40
CA ILE A 134 11.21 12.79 -7.24
C ILE A 134 9.82 13.33 -6.88
N ARG A 135 9.57 13.52 -5.58
CA ARG A 135 8.29 14.01 -5.13
C ARG A 135 8.10 15.39 -5.73
N PHE A 136 9.15 16.23 -5.65
CA PHE A 136 9.14 17.57 -6.17
C PHE A 136 8.73 17.59 -7.64
N TYR A 137 9.45 16.83 -8.46
CA TYR A 137 9.32 16.92 -9.91
C TYR A 137 8.02 16.26 -10.37
N MET A 138 7.54 15.24 -9.64
CA MET A 138 6.25 14.63 -9.93
C MET A 138 5.15 15.66 -9.67
N TYR A 139 5.37 16.48 -8.64
CA TYR A 139 4.48 17.57 -8.33
C TYR A 139 4.50 18.55 -9.49
N GLU A 140 5.69 18.86 -10.01
CA GLU A 140 5.82 19.79 -11.12
C GLU A 140 5.10 19.25 -12.35
N ILE A 141 5.18 17.94 -12.60
CA ILE A 141 4.51 17.37 -13.76
C ILE A 141 2.99 17.47 -13.60
N LEU A 142 2.50 17.22 -12.37
CA LEU A 142 1.08 17.30 -12.06
C LEU A 142 0.55 18.73 -12.23
N LYS A 143 1.38 19.75 -11.95
CA LYS A 143 0.95 21.12 -12.20
C LYS A 143 0.64 21.33 -13.70
N ALA A 144 1.40 20.67 -14.56
CA ALA A 144 1.25 20.85 -15.99
C ALA A 144 0.06 20.07 -16.50
N LEU A 145 -0.13 18.88 -15.91
CA LEU A 145 -1.17 18.00 -16.38
C LEU A 145 -2.51 18.53 -15.91
N ASP A 146 -2.54 19.03 -14.68
CA ASP A 146 -3.78 19.62 -14.20
C ASP A 146 -4.11 20.84 -15.05
N TYR A 147 -3.08 21.61 -15.44
CA TYR A 147 -3.31 22.82 -16.20
C TYR A 147 -3.83 22.44 -17.59
N CYS A 148 -3.18 21.50 -18.27
CA CYS A 148 -3.61 21.24 -19.63
C CYS A 148 -4.97 20.56 -19.61
N HIS A 149 -5.20 19.66 -18.64
CA HIS A 149 -6.49 18.97 -18.49
C HIS A 149 -7.63 19.98 -18.25
N SER A 150 -7.33 21.03 -17.46
CA SER A 150 -8.29 22.08 -17.12
C SER A 150 -8.55 23.01 -18.31
N MET A 151 -7.59 23.03 -19.25
CA MET A 151 -7.70 23.74 -20.51
C MET A 151 -8.18 22.81 -21.62
N GLY A 152 -8.75 21.66 -21.24
CA GLY A 152 -9.44 20.82 -22.21
C GLY A 152 -8.51 20.01 -23.13
N ILE A 153 -7.25 19.84 -22.72
CA ILE A 153 -6.25 19.18 -23.55
C ILE A 153 -5.65 17.98 -22.82
N MET A 154 -5.55 16.86 -23.54
CA MET A 154 -4.80 15.72 -23.06
C MET A 154 -3.48 15.65 -23.82
N HIS A 155 -2.38 15.32 -23.14
CA HIS A 155 -1.02 15.31 -23.77
C HIS A 155 -0.83 14.05 -24.61
N ARG A 156 -1.25 12.90 -24.10
CA ARG A 156 -1.22 11.64 -24.90
C ARG A 156 0.19 11.13 -25.19
N ASP A 157 1.23 11.73 -24.62
CA ASP A 157 2.62 11.19 -24.80
C ASP A 157 3.48 11.58 -23.60
N VAL A 158 2.95 11.42 -22.40
CA VAL A 158 3.74 11.64 -21.20
C VAL A 158 4.71 10.48 -21.07
N LYS A 159 5.98 10.83 -20.87
CA LYS A 159 7.06 9.87 -20.68
C LYS A 159 8.34 10.65 -20.39
N PRO A 160 9.38 10.02 -19.81
CA PRO A 160 10.60 10.75 -19.49
C PRO A 160 11.13 11.65 -20.62
N HIS A 161 11.05 11.17 -21.86
CA HIS A 161 11.66 11.87 -22.99
C HIS A 161 10.96 13.21 -23.25
N ASN A 162 9.77 13.41 -22.66
CA ASN A 162 9.01 14.63 -22.94
C ASN A 162 8.94 15.51 -21.69
N VAL A 163 9.79 15.22 -20.70
CA VAL A 163 9.88 16.01 -19.49
C VAL A 163 11.33 16.46 -19.32
N MET A 164 11.57 17.76 -19.35
CA MET A 164 12.92 18.28 -19.28
C MET A 164 13.14 18.82 -17.88
N ILE A 165 14.28 18.46 -17.29
CA ILE A 165 14.53 18.94 -15.95
C ILE A 165 15.85 19.68 -16.00
N ASP A 166 15.77 20.96 -15.63
CA ASP A 166 16.93 21.80 -15.37
C ASP A 166 17.15 21.84 -13.85
N HIS A 167 17.95 20.91 -13.32
CA HIS A 167 18.10 20.73 -11.89
C HIS A 167 18.90 21.86 -11.24
N GLU A 168 19.76 22.54 -11.99
CA GLU A 168 20.45 23.71 -11.47
C GLU A 168 19.44 24.74 -10.94
N HIS A 169 18.33 24.94 -11.69
CA HIS A 169 17.35 25.98 -11.38
C HIS A 169 16.02 25.38 -10.90
N ARG A 170 16.06 24.09 -10.52
CA ARG A 170 14.91 23.32 -10.05
C ARG A 170 13.69 23.63 -10.93
N LYS A 171 13.85 23.53 -12.26
CA LYS A 171 12.80 23.85 -13.24
C LYS A 171 12.43 22.59 -14.01
N LEU A 172 11.19 22.57 -14.52
CA LEU A 172 10.71 21.45 -15.27
C LEU A 172 9.74 21.94 -16.33
N ARG A 173 9.76 21.31 -17.51
CA ARG A 173 8.89 21.70 -18.61
C ARG A 173 8.34 20.47 -19.30
N LEU A 174 7.04 20.49 -19.59
CA LEU A 174 6.43 19.39 -20.31
C LEU A 174 6.45 19.75 -21.78
N ILE A 175 7.01 18.89 -22.63
CA ILE A 175 7.29 19.27 -24.02
C ILE A 175 6.65 18.28 -24.98
N ASP A 176 6.92 18.51 -26.28
CA ASP A 176 6.51 17.66 -27.37
C ASP A 176 4.99 17.44 -27.30
N TRP A 177 4.26 18.48 -27.69
CA TRP A 177 2.80 18.52 -27.60
C TRP A 177 2.14 18.05 -28.89
N GLY A 178 2.93 17.44 -29.75
CA GLY A 178 2.47 17.07 -31.08
C GLY A 178 1.52 15.87 -31.10
N LEU A 179 1.23 15.23 -29.96
CA LEU A 179 0.26 14.16 -29.92
C LEU A 179 -0.95 14.56 -29.07
N ALA A 180 -0.77 15.64 -28.30
CA ALA A 180 -1.87 16.17 -27.52
C ALA A 180 -3.04 16.46 -28.44
N GLU A 181 -4.25 16.39 -27.84
CA GLU A 181 -5.52 16.58 -28.52
C GLU A 181 -6.55 17.06 -27.49
N PHE A 182 -7.62 17.71 -27.97
CA PHE A 182 -8.60 18.36 -27.09
C PHE A 182 -9.62 17.33 -26.60
N TYR A 183 -10.02 17.41 -25.33
CA TYR A 183 -11.03 16.49 -24.81
C TYR A 183 -12.41 16.99 -25.24
N HIS A 184 -13.24 16.07 -25.73
CA HIS A 184 -14.62 16.37 -26.05
C HIS A 184 -15.47 15.20 -25.62
N PRO A 185 -16.52 15.39 -24.80
CA PRO A 185 -17.34 14.29 -24.32
C PRO A 185 -18.02 13.64 -25.52
N GLY A 186 -17.78 12.34 -25.70
CA GLY A 186 -18.42 11.57 -26.76
C GLY A 186 -17.39 11.04 -27.75
N GLN A 187 -16.27 11.74 -27.85
CA GLN A 187 -15.36 11.57 -28.96
C GLN A 187 -14.55 10.30 -28.77
N GLU A 188 -14.52 9.54 -29.87
CA GLU A 188 -13.68 8.38 -30.03
C GLU A 188 -12.38 8.86 -30.66
N TYR A 189 -11.28 8.47 -30.03
CA TYR A 189 -9.96 8.96 -30.37
C TYR A 189 -9.14 7.81 -30.91
N ASN A 190 -8.00 8.17 -31.49
CA ASN A 190 -7.09 7.19 -32.05
C ASN A 190 -6.33 6.56 -30.89
N VAL A 191 -6.24 5.23 -30.91
CA VAL A 191 -5.63 4.51 -29.81
C VAL A 191 -4.14 4.21 -29.92
N ARG A 192 -3.58 4.27 -31.12
CA ARG A 192 -2.18 3.92 -31.33
C ARG A 192 -1.42 5.28 -31.21
N VAL A 193 -1.32 5.71 -29.95
CA VAL A 193 -0.70 6.99 -29.61
C VAL A 193 0.11 6.58 -28.37
N ALA A 194 0.97 7.50 -27.88
CA ALA A 194 1.90 7.26 -26.78
C ALA A 194 2.93 6.21 -27.18
N SER A 195 4.02 6.12 -26.41
CA SER A 195 5.04 5.11 -26.62
C SER A 195 4.72 3.88 -25.77
N ARG A 196 5.17 2.72 -26.25
CA ARG A 196 4.57 1.45 -25.91
C ARG A 196 4.54 1.22 -24.40
N TYR A 197 5.58 1.65 -23.70
CA TYR A 197 5.73 1.29 -22.30
C TYR A 197 4.73 2.09 -21.47
N PHE A 198 4.21 3.16 -22.07
CA PHE A 198 3.38 4.14 -21.39
C PHE A 198 1.92 4.13 -21.85
N LYS A 199 1.60 3.32 -22.86
CA LYS A 199 0.23 3.18 -23.30
C LYS A 199 -0.61 2.64 -22.15
N GLY A 200 -1.68 3.37 -21.85
CA GLY A 200 -2.69 2.87 -20.96
C GLY A 200 -3.46 1.69 -21.57
N PRO A 201 -4.13 0.88 -20.71
CA PRO A 201 -4.93 -0.25 -21.16
C PRO A 201 -6.08 0.04 -22.12
N GLU A 202 -6.63 1.24 -21.99
CA GLU A 202 -7.66 1.68 -22.91
C GLU A 202 -7.11 1.62 -24.34
N LEU A 203 -5.83 1.97 -24.50
CA LEU A 203 -5.23 1.97 -25.81
C LEU A 203 -5.06 0.52 -26.25
N LEU A 204 -4.68 -0.35 -25.30
CA LEU A 204 -4.24 -1.68 -25.67
C LEU A 204 -5.42 -2.57 -26.04
N VAL A 205 -6.63 -2.17 -25.59
CA VAL A 205 -7.82 -2.97 -25.80
C VAL A 205 -8.73 -2.31 -26.84
N ASP A 206 -8.25 -1.19 -27.39
CA ASP A 206 -8.94 -0.47 -28.46
C ASP A 206 -10.26 0.10 -27.92
N TYR A 207 -10.17 0.72 -26.74
CA TYR A 207 -11.27 1.50 -26.21
C TYR A 207 -10.98 2.96 -26.52
N GLN A 208 -11.80 3.56 -27.39
CA GLN A 208 -11.40 4.82 -27.99
C GLN A 208 -11.96 6.02 -27.23
N MET A 209 -12.90 5.84 -26.32
CA MET A 209 -13.60 6.97 -25.73
C MET A 209 -12.87 7.41 -24.48
N TYR A 210 -11.56 7.57 -24.59
CA TYR A 210 -10.74 7.84 -23.43
C TYR A 210 -10.63 9.35 -23.22
N ASP A 211 -9.78 9.75 -22.28
CA ASP A 211 -9.76 11.12 -21.81
C ASP A 211 -8.46 11.41 -21.06
N TYR A 212 -8.45 12.55 -20.36
CA TYR A 212 -7.28 13.05 -19.65
C TYR A 212 -6.66 11.96 -18.78
N SER A 213 -7.51 11.07 -18.26
CA SER A 213 -7.10 9.96 -17.41
C SER A 213 -5.97 9.12 -18.01
N LEU A 214 -5.88 9.12 -19.34
CA LEU A 214 -4.81 8.42 -20.04
C LEU A 214 -3.47 8.91 -19.54
N ASP A 215 -3.37 10.23 -19.33
CA ASP A 215 -2.11 10.86 -18.94
C ASP A 215 -1.66 10.34 -17.58
N MET A 216 -2.62 9.98 -16.74
CA MET A 216 -2.32 9.68 -15.36
C MET A 216 -1.74 8.27 -15.27
N TRP A 217 -2.17 7.39 -16.19
CA TRP A 217 -1.57 6.08 -16.33
C TRP A 217 -0.08 6.21 -16.69
N SER A 218 0.23 7.08 -17.66
CA SER A 218 1.62 7.16 -18.06
C SER A 218 2.41 7.85 -16.95
N LEU A 219 1.82 8.79 -16.22
CA LEU A 219 2.51 9.34 -15.07
C LEU A 219 2.87 8.23 -14.07
N GLY A 220 1.93 7.31 -13.88
CA GLY A 220 2.20 6.14 -13.06
C GLY A 220 3.37 5.32 -13.59
N CYS A 221 3.36 4.99 -14.89
CA CYS A 221 4.45 4.28 -15.52
C CYS A 221 5.80 4.95 -15.24
N MET A 222 5.81 6.28 -15.22
CA MET A 222 7.04 7.00 -14.94
C MET A 222 7.40 6.85 -13.47
N LEU A 223 6.43 7.09 -12.57
CA LEU A 223 6.69 7.01 -11.15
C LEU A 223 7.22 5.61 -10.82
N ALA A 224 6.60 4.59 -11.41
CA ALA A 224 7.02 3.21 -11.17
C ALA A 224 8.49 3.01 -11.49
N SER A 225 8.95 3.40 -12.69
CA SER A 225 10.31 3.07 -13.08
C SER A 225 11.29 3.92 -12.28
N MET A 226 10.86 5.09 -11.78
CA MET A 226 11.73 5.90 -10.95
C MET A 226 11.98 5.26 -9.58
N ILE A 227 10.93 4.90 -8.84
CA ILE A 227 11.08 4.45 -7.47
C ILE A 227 11.59 3.02 -7.41
N PHE A 228 11.27 2.19 -8.41
CA PHE A 228 11.71 0.80 -8.41
C PHE A 228 13.00 0.75 -9.24
N ARG A 229 13.35 1.86 -9.87
CA ARG A 229 14.51 1.90 -10.76
C ARG A 229 14.49 0.72 -11.73
N LYS A 230 13.42 0.70 -12.56
CA LYS A 230 13.19 -0.38 -13.52
C LYS A 230 12.61 0.34 -14.74
N GLU A 231 13.48 0.74 -15.67
CA GLU A 231 13.11 1.50 -16.87
C GLU A 231 13.26 0.60 -18.09
N PRO A 232 12.20 0.33 -18.86
CA PRO A 232 10.83 0.67 -18.53
C PRO A 232 10.21 -0.32 -17.55
N PHE A 233 9.15 0.10 -16.87
CA PHE A 233 8.54 -0.71 -15.82
C PHE A 233 7.75 -1.84 -16.46
N PHE A 234 6.76 -1.52 -17.30
CA PHE A 234 6.09 -2.54 -18.10
C PHE A 234 6.81 -2.65 -19.43
N HIS A 235 7.50 -3.77 -19.66
CA HIS A 235 8.48 -3.90 -20.72
C HIS A 235 7.98 -4.94 -21.73
N GLY A 236 6.91 -4.56 -22.45
CA GLY A 236 6.33 -5.44 -23.46
C GLY A 236 7.11 -5.49 -24.77
N HIS A 237 7.08 -6.65 -25.42
CA HIS A 237 7.81 -6.90 -26.65
C HIS A 237 7.02 -6.42 -27.87
N ASP A 238 5.69 -6.31 -27.72
CA ASP A 238 4.82 -5.66 -28.70
C ASP A 238 3.58 -5.15 -27.95
N ASN A 239 2.58 -4.63 -28.68
CA ASN A 239 1.46 -3.96 -28.02
C ASN A 239 0.65 -4.99 -27.21
N TYR A 240 0.59 -6.23 -27.69
CA TYR A 240 -0.21 -7.22 -27.00
C TYR A 240 0.45 -7.62 -25.68
N ASP A 241 1.74 -7.95 -25.79
CA ASP A 241 2.56 -8.39 -24.67
C ASP A 241 2.65 -7.28 -23.63
N GLN A 242 2.47 -6.02 -24.05
CA GLN A 242 2.51 -4.93 -23.11
C GLN A 242 1.38 -5.12 -22.10
N LEU A 243 0.19 -5.46 -22.59
CA LEU A 243 -0.93 -5.65 -21.69
C LEU A 243 -0.71 -6.89 -20.84
N VAL A 244 0.10 -7.81 -21.35
CA VAL A 244 0.44 -8.98 -20.58
C VAL A 244 1.34 -8.57 -19.40
N ARG A 245 2.29 -7.66 -19.63
CA ARG A 245 3.21 -7.24 -18.59
C ARG A 245 2.44 -6.57 -17.47
N ILE A 246 1.42 -5.79 -17.85
CA ILE A 246 0.55 -5.09 -16.91
C ILE A 246 -0.27 -6.10 -16.13
N ALA A 247 -0.88 -7.03 -16.87
CA ALA A 247 -1.72 -8.07 -16.29
C ALA A 247 -0.92 -8.84 -15.25
N LYS A 248 0.38 -9.04 -15.50
CA LYS A 248 1.24 -9.83 -14.62
C LYS A 248 1.53 -9.07 -13.33
N VAL A 249 1.33 -7.75 -13.31
CA VAL A 249 1.41 -6.99 -12.06
C VAL A 249 0.03 -6.70 -11.46
N LEU A 250 -0.90 -6.15 -12.26
CA LEU A 250 -2.20 -5.71 -11.76
C LEU A 250 -3.23 -6.85 -11.71
N GLY A 251 -2.82 -8.03 -12.22
CA GLY A 251 -3.63 -9.23 -12.18
C GLY A 251 -4.70 -9.21 -13.28
N THR A 252 -5.15 -10.40 -13.69
CA THR A 252 -6.07 -10.50 -14.82
C THR A 252 -7.50 -10.29 -14.37
N GLU A 253 -7.79 -10.53 -13.09
CA GLU A 253 -9.15 -10.39 -12.61
C GLU A 253 -9.63 -8.96 -12.85
N ASP A 254 -8.88 -7.97 -12.38
CA ASP A 254 -9.33 -6.58 -12.55
C ASP A 254 -9.45 -6.22 -14.04
N LEU A 255 -8.60 -6.79 -14.90
CA LEU A 255 -8.64 -6.51 -16.33
C LEU A 255 -9.97 -6.92 -16.93
N TYR A 256 -10.41 -8.17 -16.70
CA TYR A 256 -11.62 -8.66 -17.33
C TYR A 256 -12.85 -7.96 -16.77
N ASP A 257 -12.83 -7.61 -15.48
CA ASP A 257 -13.91 -6.80 -14.91
C ASP A 257 -14.07 -5.51 -15.70
N TYR A 258 -12.92 -4.92 -16.05
CA TYR A 258 -12.85 -3.70 -16.85
C TYR A 258 -13.45 -3.91 -18.24
N ILE A 259 -13.08 -4.99 -18.93
CA ILE A 259 -13.58 -5.17 -20.29
C ILE A 259 -15.09 -5.38 -20.18
N ASP A 260 -15.54 -6.07 -19.11
CA ASP A 260 -16.96 -6.33 -18.89
C ASP A 260 -17.74 -5.05 -18.65
N LYS A 261 -17.19 -4.19 -17.78
CA LYS A 261 -17.89 -3.00 -17.39
C LYS A 261 -18.21 -2.19 -18.63
N TYR A 262 -17.20 -2.06 -19.52
CA TYR A 262 -17.30 -1.24 -20.71
C TYR A 262 -17.65 -2.07 -21.94
N ASN A 263 -17.98 -3.34 -21.75
CA ASN A 263 -18.36 -4.20 -22.90
C ASN A 263 -17.36 -4.01 -24.03
N ILE A 264 -16.09 -4.25 -23.76
CA ILE A 264 -15.02 -4.08 -24.80
C ILE A 264 -14.76 -5.42 -25.48
N GLU A 265 -14.65 -5.41 -26.80
CA GLU A 265 -14.36 -6.66 -27.57
C GLU A 265 -12.85 -6.85 -27.64
N LEU A 266 -12.33 -7.91 -27.01
CA LEU A 266 -10.86 -8.08 -26.95
C LEU A 266 -10.40 -8.93 -28.14
N ASP A 267 -9.42 -8.45 -28.88
CA ASP A 267 -8.85 -9.24 -30.00
C ASP A 267 -8.73 -10.70 -29.55
N PRO A 268 -9.38 -11.71 -30.18
CA PRO A 268 -9.23 -13.07 -29.69
C PRO A 268 -7.77 -13.36 -29.37
N ARG A 269 -6.85 -12.69 -30.08
CA ARG A 269 -5.40 -12.92 -29.87
C ARG A 269 -5.07 -12.83 -28.38
N PHE A 270 -5.59 -11.81 -27.71
CA PHE A 270 -5.23 -11.59 -26.29
C PHE A 270 -5.68 -12.79 -25.44
N ASN A 271 -6.84 -13.35 -25.76
CA ASN A 271 -7.40 -14.43 -24.91
C ASN A 271 -6.41 -15.57 -24.75
N ASP A 272 -5.58 -15.81 -25.76
CA ASP A 272 -4.63 -16.94 -25.70
C ASP A 272 -3.28 -16.49 -25.14
N ILE A 273 -3.17 -15.22 -24.72
CA ILE A 273 -1.86 -14.69 -24.26
C ILE A 273 -1.97 -14.20 -22.81
N LEU A 274 -3.11 -13.63 -22.43
CA LEU A 274 -3.24 -13.05 -21.08
C LEU A 274 -3.14 -14.15 -20.01
N GLY A 275 -3.95 -15.18 -20.12
CA GLY A 275 -3.93 -16.21 -19.10
C GLY A 275 -4.60 -15.75 -17.80
N ARG A 276 -4.15 -16.34 -16.68
CA ARG A 276 -4.62 -16.09 -15.32
C ARG A 276 -3.41 -15.61 -14.50
N HIS A 277 -3.54 -14.44 -13.87
CA HIS A 277 -2.48 -13.88 -13.05
C HIS A 277 -3.05 -13.16 -11.84
N SER A 278 -2.34 -13.24 -10.72
CA SER A 278 -2.72 -12.55 -9.50
C SER A 278 -2.18 -11.13 -9.56
N ARG A 279 -2.89 -10.20 -8.93
CA ARG A 279 -2.36 -8.85 -8.73
C ARG A 279 -1.19 -8.98 -7.77
N LYS A 280 -0.03 -8.40 -8.10
CA LYS A 280 1.14 -8.51 -7.25
C LYS A 280 1.21 -7.33 -6.30
N ARG A 281 1.68 -7.59 -5.08
CA ARG A 281 1.96 -6.50 -4.16
C ARG A 281 3.28 -5.84 -4.58
N TRP A 282 3.38 -4.53 -4.31
CA TRP A 282 4.45 -3.72 -4.84
C TRP A 282 5.79 -4.13 -4.25
N GLU A 283 5.76 -4.80 -3.10
CA GLU A 283 6.95 -5.05 -2.32
C GLU A 283 7.91 -6.00 -3.05
N ARG A 284 7.46 -6.69 -4.11
CA ARG A 284 8.37 -7.61 -4.77
C ARG A 284 9.20 -6.87 -5.82
N PHE A 285 9.00 -5.55 -5.93
CA PHE A 285 9.84 -4.74 -6.80
C PHE A 285 10.84 -3.95 -5.97
N VAL A 286 10.81 -4.14 -4.64
CA VAL A 286 11.66 -3.40 -3.74
C VAL A 286 12.92 -4.20 -3.43
N HIS A 287 14.08 -3.53 -3.43
CA HIS A 287 15.40 -4.11 -3.18
C HIS A 287 16.15 -3.20 -2.21
N SER A 288 17.44 -3.45 -1.97
CA SER A 288 18.25 -2.50 -1.22
C SER A 288 18.55 -1.25 -2.06
N GLU A 289 18.72 -1.43 -3.38
CA GLU A 289 19.20 -0.36 -4.25
C GLU A 289 18.18 0.76 -4.43
N ASN A 290 16.92 0.50 -4.09
CA ASN A 290 15.84 1.42 -4.40
C ASN A 290 14.99 1.76 -3.18
N GLN A 291 15.18 1.04 -2.06
CA GLN A 291 14.38 1.22 -0.85
C GLN A 291 14.23 2.72 -0.58
N HIS A 292 15.34 3.46 -0.69
CA HIS A 292 15.35 4.86 -0.27
C HIS A 292 14.31 5.70 -1.01
N LEU A 293 13.65 5.18 -2.05
CA LEU A 293 12.67 5.92 -2.82
C LEU A 293 11.25 5.43 -2.53
N VAL A 294 11.20 4.23 -1.98
CA VAL A 294 9.94 3.55 -1.73
C VAL A 294 9.51 3.83 -0.29
N SER A 295 8.23 4.13 -0.17
CA SER A 295 7.61 4.54 1.08
C SER A 295 6.14 4.16 0.97
N PRO A 296 5.47 3.79 2.07
CA PRO A 296 4.03 3.54 2.04
C PRO A 296 3.21 4.57 1.26
N GLU A 297 3.56 5.85 1.40
CA GLU A 297 2.85 6.90 0.68
C GLU A 297 3.18 6.77 -0.81
N ALA A 298 4.42 6.44 -1.17
CA ALA A 298 4.75 6.30 -2.58
C ALA A 298 3.88 5.25 -3.27
N LEU A 299 3.68 4.12 -2.56
CA LEU A 299 2.99 2.97 -3.12
C LEU A 299 1.48 3.21 -3.12
N ASP A 300 0.96 3.89 -2.09
CA ASP A 300 -0.45 4.26 -2.08
C ASP A 300 -0.67 5.13 -3.31
N PHE A 301 0.19 6.11 -3.52
CA PHE A 301 0.01 7.06 -4.62
C PHE A 301 0.03 6.29 -5.95
N LEU A 302 1.03 5.40 -6.10
CA LEU A 302 1.22 4.69 -7.37
C LEU A 302 0.04 3.78 -7.71
N ASP A 303 -0.45 3.06 -6.68
CA ASP A 303 -1.52 2.10 -6.82
C ASP A 303 -2.76 2.82 -7.35
N LYS A 304 -2.94 4.09 -6.94
CA LYS A 304 -4.14 4.84 -7.27
C LYS A 304 -4.03 5.53 -8.63
N LEU A 305 -2.90 5.38 -9.33
CA LEU A 305 -2.76 5.77 -10.73
C LEU A 305 -2.92 4.54 -11.61
N LEU A 306 -2.22 3.45 -11.26
CA LEU A 306 -2.06 2.35 -12.18
C LEU A 306 -3.21 1.36 -12.04
N ARG A 307 -4.30 1.66 -12.73
CA ARG A 307 -5.58 1.03 -12.53
C ARG A 307 -6.22 0.94 -13.91
N TYR A 308 -6.64 -0.26 -14.33
CA TYR A 308 -7.16 -0.45 -15.68
C TYR A 308 -8.28 0.52 -16.04
N ASP A 309 -9.25 0.62 -15.13
CA ASP A 309 -10.38 1.51 -15.31
C ASP A 309 -9.89 2.96 -15.23
N HIS A 310 -9.91 3.62 -16.39
CA HIS A 310 -9.54 5.03 -16.48
C HIS A 310 -10.36 5.89 -15.53
N GLN A 311 -11.64 5.54 -15.31
CA GLN A 311 -12.53 6.38 -14.52
C GLN A 311 -12.14 6.29 -13.05
N SER A 312 -11.31 5.32 -12.65
CA SER A 312 -10.98 5.17 -11.24
C SER A 312 -9.54 5.55 -10.92
N ARG A 313 -8.80 6.17 -11.86
CA ARG A 313 -7.47 6.66 -11.59
C ARG A 313 -7.55 8.00 -10.87
N LEU A 314 -6.51 8.41 -10.15
CA LEU A 314 -6.56 9.75 -9.60
C LEU A 314 -6.61 10.76 -10.72
N THR A 315 -7.24 11.89 -10.43
CA THR A 315 -7.06 13.06 -11.26
C THR A 315 -5.75 13.74 -10.90
N ALA A 316 -5.35 14.70 -11.73
CA ALA A 316 -4.14 15.47 -11.48
C ALA A 316 -4.25 16.20 -10.14
N ARG A 317 -5.39 16.84 -9.89
CA ARG A 317 -5.60 17.56 -8.64
C ARG A 317 -5.56 16.59 -7.47
N GLU A 318 -6.31 15.49 -7.58
CA GLU A 318 -6.34 14.52 -6.50
C GLU A 318 -4.93 14.05 -6.17
N ALA A 319 -4.17 13.77 -7.23
CA ALA A 319 -2.78 13.34 -7.12
C ALA A 319 -1.96 14.33 -6.31
N MET A 320 -2.14 15.62 -6.61
CA MET A 320 -1.38 16.69 -5.97
C MET A 320 -1.71 16.80 -4.47
N GLU A 321 -2.90 16.31 -4.09
CA GLU A 321 -3.36 16.39 -2.71
C GLU A 321 -2.97 15.15 -1.92
N HIS A 322 -2.43 14.13 -2.60
CA HIS A 322 -2.05 12.89 -1.93
C HIS A 322 -0.94 13.15 -0.90
N PRO A 323 -0.92 12.38 0.22
CA PRO A 323 0.14 12.49 1.22
C PRO A 323 1.58 12.42 0.70
N TYR A 324 1.80 11.72 -0.42
CA TYR A 324 3.13 11.61 -0.98
C TYR A 324 3.78 12.98 -1.18
N PHE A 325 2.95 14.02 -1.41
CA PHE A 325 3.45 15.36 -1.68
C PHE A 325 3.38 16.30 -0.48
N TYR A 326 2.90 15.81 0.67
CA TYR A 326 2.67 16.73 1.82
C TYR A 326 3.90 17.59 2.11
N THR A 327 5.09 17.09 1.81
CA THR A 327 6.30 17.86 2.19
C THR A 327 6.56 18.93 1.13
N VAL A 328 6.36 18.60 -0.14
CA VAL A 328 6.68 19.55 -1.24
C VAL A 328 5.67 20.69 -1.20
N VAL A 329 4.49 20.46 -0.65
CA VAL A 329 3.45 21.51 -0.66
C VAL A 329 3.74 22.44 0.52
N LYS A 330 4.47 21.93 1.51
CA LYS A 330 4.77 22.74 2.71
C LYS A 330 6.09 23.47 2.48
N ASP A 331 7.02 22.81 1.79
CA ASP A 331 8.33 23.43 1.49
C ASP A 331 8.13 24.51 0.42
N GLN A 332 6.92 24.67 -0.08
CA GLN A 332 6.66 25.64 -1.17
C GLN A 332 5.66 26.67 -0.68
N ALA A 333 5.65 26.96 0.61
CA ALA A 333 4.70 27.93 1.18
C ALA A 333 5.33 28.61 2.40
N GLY B 4 1.96 -35.59 2.91
CA GLY B 4 2.45 -35.05 4.20
C GLY B 4 2.70 -33.56 4.09
N PRO B 5 2.37 -32.73 5.12
CA PRO B 5 2.66 -31.30 5.08
C PRO B 5 4.16 -31.07 5.00
N VAL B 6 4.54 -30.01 4.30
CA VAL B 6 5.91 -29.53 4.33
C VAL B 6 6.16 -28.91 5.71
N PRO B 7 7.30 -29.23 6.35
CA PRO B 7 7.63 -28.65 7.65
C PRO B 7 8.01 -27.18 7.53
N SER B 8 8.02 -26.49 8.68
CA SER B 8 8.31 -25.06 8.77
C SER B 8 9.06 -24.77 10.06
N ARG B 9 9.94 -23.77 9.98
CA ARG B 9 10.62 -23.25 11.15
C ARG B 9 10.21 -21.80 11.26
N ALA B 10 10.52 -21.22 12.42
CA ALA B 10 10.36 -19.80 12.66
C ALA B 10 11.58 -19.07 12.12
N ARG B 11 11.34 -17.94 11.43
CA ARG B 11 12.40 -17.10 10.92
C ARG B 11 13.26 -16.49 12.03
N VAL B 12 12.71 -16.33 13.23
CA VAL B 12 13.48 -15.76 14.31
C VAL B 12 13.16 -16.51 15.59
N TYR B 13 14.06 -16.31 16.54
CA TYR B 13 13.99 -16.92 17.85
C TYR B 13 13.75 -18.42 17.71
N THR B 14 14.35 -19.04 16.68
CA THR B 14 14.04 -20.41 16.38
C THR B 14 14.51 -21.31 17.53
N ASP B 15 15.81 -21.32 17.81
CA ASP B 15 16.35 -22.31 18.74
C ASP B 15 16.60 -21.70 20.12
N VAL B 16 15.80 -20.71 20.50
CA VAL B 16 16.04 -19.99 21.74
C VAL B 16 15.84 -20.91 22.95
N ASN B 17 14.85 -21.81 22.86
CA ASN B 17 14.52 -22.65 24.00
C ASN B 17 15.49 -23.81 24.10
N THR B 18 16.07 -24.20 22.96
CA THR B 18 17.05 -25.28 22.94
C THR B 18 18.27 -24.88 23.78
N HIS B 19 18.62 -23.59 23.69
CA HIS B 19 19.85 -23.09 24.27
C HIS B 19 19.60 -22.75 25.72
N ARG B 20 18.43 -23.08 26.27
CA ARG B 20 18.17 -22.82 27.67
C ARG B 20 18.19 -24.12 28.47
N PRO B 21 18.41 -24.02 29.80
CA PRO B 21 18.20 -25.17 30.68
C PRO B 21 16.86 -25.89 30.50
N ARG B 22 16.83 -27.22 30.72
CA ARG B 22 15.63 -27.98 30.42
C ARG B 22 14.46 -27.37 31.21
N GLU B 23 14.71 -27.09 32.51
CA GLU B 23 13.66 -26.60 33.38
C GLU B 23 12.95 -25.34 32.87
N TYR B 24 13.63 -24.52 32.06
CA TYR B 24 13.05 -23.32 31.50
C TYR B 24 11.75 -23.63 30.75
N TRP B 25 11.77 -24.67 29.91
CA TRP B 25 10.67 -24.99 29.02
C TRP B 25 10.00 -26.32 29.36
N ASP B 26 10.67 -27.23 30.06
CA ASP B 26 10.07 -28.50 30.45
C ASP B 26 9.18 -28.32 31.68
N TYR B 27 7.97 -27.78 31.46
CA TYR B 27 7.23 -27.21 32.57
C TYR B 27 6.55 -28.28 33.40
N GLU B 28 6.26 -29.42 32.75
CA GLU B 28 5.76 -30.56 33.49
C GLU B 28 6.64 -30.78 34.72
N SER B 29 7.95 -30.44 34.61
CA SER B 29 8.93 -30.54 35.70
C SER B 29 8.50 -29.74 36.91
N HIS B 30 7.95 -28.57 36.61
CA HIS B 30 7.92 -27.45 37.52
C HIS B 30 7.15 -27.82 38.78
N VAL B 31 7.79 -27.70 39.96
CA VAL B 31 7.05 -27.87 41.20
C VAL B 31 6.52 -26.50 41.59
N VAL B 32 5.30 -26.46 42.12
CA VAL B 32 4.61 -25.20 42.36
C VAL B 32 4.55 -24.92 43.86
N GLU B 33 5.09 -23.75 44.23
CA GLU B 33 5.25 -23.34 45.61
C GLU B 33 4.06 -22.47 46.00
N TRP B 34 3.09 -23.03 46.76
CA TRP B 34 1.82 -22.37 47.02
C TRP B 34 1.98 -21.29 48.09
N GLY B 35 1.63 -20.05 47.72
CA GLY B 35 1.39 -18.98 48.69
C GLY B 35 0.12 -19.21 49.52
N ASN B 36 -0.12 -18.25 50.43
CA ASN B 36 -1.07 -18.43 51.52
C ASN B 36 -2.42 -17.78 51.17
N GLN B 37 -3.43 -18.62 50.94
CA GLN B 37 -4.63 -18.31 50.17
C GLN B 37 -5.61 -17.47 50.96
N ASP B 38 -5.21 -17.09 52.17
CA ASP B 38 -6.02 -16.23 52.99
C ASP B 38 -5.24 -14.95 53.31
N ASP B 39 -4.15 -14.72 52.59
CA ASP B 39 -3.60 -13.38 52.57
C ASP B 39 -4.58 -12.47 51.84
N TYR B 40 -5.39 -13.04 50.90
CA TYR B 40 -6.24 -12.25 50.04
C TYR B 40 -7.72 -12.40 50.38
N GLN B 41 -8.40 -11.27 50.49
CA GLN B 41 -9.84 -11.21 50.64
C GLN B 41 -10.45 -10.62 49.37
N LEU B 42 -11.51 -11.24 48.86
CA LEU B 42 -12.02 -10.82 47.57
C LEU B 42 -13.01 -9.68 47.78
N VAL B 43 -12.94 -8.71 46.86
CA VAL B 43 -13.71 -7.48 46.95
C VAL B 43 -14.92 -7.56 46.03
N ARG B 44 -14.67 -7.78 44.73
CA ARG B 44 -15.75 -7.80 43.78
C ARG B 44 -15.31 -8.57 42.55
N LYS B 45 -16.27 -9.12 41.80
CA LYS B 45 -15.92 -9.83 40.58
C LYS B 45 -15.60 -8.81 39.51
N LEU B 46 -14.55 -9.05 38.75
CA LEU B 46 -14.23 -8.15 37.66
C LEU B 46 -14.71 -8.73 36.33
N GLY B 47 -14.63 -10.05 36.13
CA GLY B 47 -14.98 -10.64 34.86
C GLY B 47 -15.05 -12.17 34.92
N ARG B 48 -15.27 -12.79 33.77
CA ARG B 48 -15.66 -14.18 33.70
C ARG B 48 -15.18 -14.60 32.33
N GLY B 49 -14.25 -15.55 32.22
CA GLY B 49 -13.36 -15.62 31.06
C GLY B 49 -12.98 -17.04 30.56
N LYS B 50 -14.02 -17.91 30.41
CA LYS B 50 -13.95 -19.22 29.76
C LYS B 50 -13.30 -20.25 30.68
N TYR B 51 -12.03 -19.98 31.06
CA TYR B 51 -11.23 -20.87 31.89
C TYR B 51 -11.10 -20.32 33.33
N SER B 52 -11.66 -19.14 33.62
CA SER B 52 -11.33 -18.42 34.85
C SER B 52 -12.46 -17.48 35.26
N GLU B 53 -12.56 -17.21 36.56
CA GLU B 53 -13.23 -16.01 37.04
C GLU B 53 -12.21 -15.05 37.63
N VAL B 54 -12.48 -13.75 37.52
CA VAL B 54 -11.49 -12.78 37.94
C VAL B 54 -12.11 -11.81 38.93
N PHE B 55 -11.38 -11.56 40.02
CA PHE B 55 -11.89 -10.73 41.09
C PHE B 55 -10.84 -9.70 41.48
N GLU B 56 -11.29 -8.52 41.90
CA GLU B 56 -10.43 -7.64 42.64
C GLU B 56 -10.46 -8.04 44.10
N ALA B 57 -9.27 -8.08 44.68
CA ALA B 57 -9.06 -8.54 46.04
C ALA B 57 -7.93 -7.73 46.66
N ILE B 58 -7.82 -7.90 47.96
CA ILE B 58 -6.92 -7.07 48.75
C ILE B 58 -6.05 -8.01 49.59
N ASN B 59 -4.76 -7.69 49.64
CA ASN B 59 -3.78 -8.52 50.31
C ASN B 59 -3.57 -7.93 51.69
N ILE B 60 -4.07 -8.61 52.72
CA ILE B 60 -4.14 -8.03 54.06
C ILE B 60 -2.75 -7.99 54.71
N THR B 61 -1.77 -8.72 54.16
CA THR B 61 -0.38 -8.54 54.56
C THR B 61 0.01 -7.08 54.51
N ASN B 62 -0.20 -6.42 53.37
CA ASN B 62 0.31 -5.08 53.18
C ASN B 62 -0.74 -4.09 52.72
N ASN B 63 -1.95 -4.54 52.38
CA ASN B 63 -3.04 -3.63 52.01
C ASN B 63 -2.84 -3.05 50.62
N GLU B 64 -2.36 -3.87 49.69
CA GLU B 64 -2.30 -3.45 48.30
C GLU B 64 -3.41 -4.16 47.54
N LYS B 65 -3.93 -3.45 46.54
CA LYS B 65 -4.92 -3.97 45.65
C LYS B 65 -4.21 -4.98 44.75
N VAL B 66 -5.00 -5.84 44.14
CA VAL B 66 -4.51 -7.10 43.61
C VAL B 66 -5.65 -7.71 42.80
N VAL B 67 -5.31 -8.50 41.80
CA VAL B 67 -6.33 -9.24 41.06
C VAL B 67 -6.11 -10.73 41.29
N VAL B 68 -7.19 -11.45 41.64
CA VAL B 68 -7.13 -12.90 41.75
C VAL B 68 -7.92 -13.51 40.59
N LYS B 69 -7.26 -14.40 39.83
CA LYS B 69 -7.88 -15.13 38.74
C LYS B 69 -8.08 -16.58 39.21
N ILE B 70 -9.29 -16.96 39.57
CA ILE B 70 -9.54 -18.32 39.99
C ILE B 70 -9.72 -19.20 38.76
N LEU B 71 -8.92 -20.27 38.66
CA LEU B 71 -8.94 -21.13 37.50
C LEU B 71 -10.07 -22.13 37.59
N LYS B 72 -10.66 -22.40 36.43
CA LYS B 72 -11.57 -23.51 36.24
C LYS B 72 -10.73 -24.76 35.95
N PRO B 73 -11.25 -25.95 36.26
CA PRO B 73 -10.48 -27.17 36.11
C PRO B 73 -9.86 -27.27 34.73
N VAL B 74 -8.56 -27.51 34.69
CA VAL B 74 -7.84 -27.86 33.48
C VAL B 74 -6.75 -28.85 33.87
N LYS B 75 -6.13 -29.50 32.87
CA LYS B 75 -4.92 -30.28 33.03
C LYS B 75 -3.93 -29.54 33.93
N LYS B 76 -3.47 -30.14 35.02
CA LYS B 76 -2.46 -29.43 35.84
C LYS B 76 -1.33 -29.02 34.91
N LYS B 77 -0.90 -29.94 34.06
CA LYS B 77 0.11 -29.65 33.04
C LYS B 77 -0.08 -28.21 32.50
N LYS B 78 -1.33 -27.79 32.24
CA LYS B 78 -1.61 -26.51 31.61
C LYS B 78 -1.50 -25.38 32.65
N ILE B 79 -1.78 -25.67 33.92
CA ILE B 79 -1.63 -24.69 34.99
C ILE B 79 -0.15 -24.44 35.27
N LYS B 80 0.62 -25.54 35.34
CA LYS B 80 2.05 -25.47 35.40
C LYS B 80 2.56 -24.66 34.22
N ARG B 81 2.06 -24.96 33.02
CA ARG B 81 2.53 -24.26 31.84
C ARG B 81 2.34 -22.75 32.01
N GLU B 82 1.14 -22.34 32.42
CA GLU B 82 0.83 -20.92 32.58
C GLU B 82 1.76 -20.32 33.61
N ILE B 83 1.99 -21.01 34.72
CA ILE B 83 2.82 -20.46 35.78
C ILE B 83 4.27 -20.32 35.32
N LYS B 84 4.79 -21.27 34.56
CA LYS B 84 6.19 -21.20 34.16
C LYS B 84 6.40 -20.03 33.21
N ILE B 85 5.46 -19.86 32.29
CA ILE B 85 5.54 -18.81 31.29
C ILE B 85 5.49 -17.44 31.97
N LEU B 86 4.60 -17.33 32.94
CA LEU B 86 4.45 -16.09 33.67
C LEU B 86 5.72 -15.78 34.45
N GLU B 87 6.34 -16.81 35.03
CA GLU B 87 7.55 -16.64 35.80
C GLU B 87 8.65 -16.28 34.80
N ASN B 88 8.79 -17.06 33.72
CA ASN B 88 9.79 -16.76 32.70
C ASN B 88 9.64 -15.33 32.17
N LEU B 89 8.41 -14.83 32.00
CA LEU B 89 8.17 -13.56 31.33
C LEU B 89 8.09 -12.38 32.30
N ARG B 90 7.99 -12.66 33.61
CA ARG B 90 8.00 -11.69 34.70
C ARG B 90 9.10 -10.65 34.49
N GLY B 91 8.78 -9.39 34.79
CA GLY B 91 9.70 -8.30 34.59
C GLY B 91 9.64 -7.73 33.18
N GLY B 92 9.17 -8.53 32.22
CA GLY B 92 9.27 -8.17 30.81
C GLY B 92 8.33 -7.03 30.42
N PRO B 93 8.63 -6.29 29.33
CA PRO B 93 7.79 -5.16 28.93
C PRO B 93 6.31 -5.48 28.70
N ASN B 94 5.44 -4.75 29.41
CA ASN B 94 4.01 -4.86 29.23
C ASN B 94 3.50 -6.29 29.44
N ILE B 95 4.26 -7.11 30.19
CA ILE B 95 3.79 -8.42 30.59
C ILE B 95 3.18 -8.32 31.98
N ILE B 96 2.00 -8.90 32.14
CA ILE B 96 1.34 -8.92 33.47
C ILE B 96 2.27 -9.58 34.47
N THR B 97 2.30 -9.10 35.70
CA THR B 97 3.23 -9.66 36.70
C THR B 97 2.48 -10.61 37.63
N LEU B 98 2.90 -11.89 37.65
CA LEU B 98 2.30 -12.85 38.61
C LEU B 98 2.90 -12.53 39.96
N ALA B 99 2.05 -12.41 40.97
CA ALA B 99 2.52 -11.99 42.28
C ALA B 99 2.51 -13.15 43.24
N ASP B 100 1.54 -14.05 43.09
CA ASP B 100 1.45 -15.18 43.98
C ASP B 100 0.60 -16.25 43.30
N ILE B 101 0.52 -17.41 43.94
CA ILE B 101 -0.30 -18.52 43.50
C ILE B 101 -0.88 -19.16 44.74
N VAL B 102 -2.19 -19.41 44.76
CA VAL B 102 -2.85 -19.87 45.96
C VAL B 102 -3.93 -20.88 45.64
N LYS B 103 -4.14 -21.80 46.59
CA LYS B 103 -5.07 -22.89 46.43
C LYS B 103 -6.34 -22.48 47.15
N ASP B 104 -7.30 -22.16 46.28
CA ASP B 104 -8.51 -21.48 46.69
C ASP B 104 -9.16 -22.26 47.84
N PRO B 105 -9.78 -21.59 48.85
CA PRO B 105 -10.49 -22.31 49.89
C PRO B 105 -11.73 -23.01 49.35
N VAL B 106 -12.23 -22.56 48.20
CA VAL B 106 -13.51 -23.13 47.70
C VAL B 106 -13.19 -24.07 46.54
N SER B 107 -12.83 -23.50 45.39
CA SER B 107 -12.57 -24.32 44.19
C SER B 107 -11.49 -25.35 44.49
N ARG B 108 -10.75 -25.20 45.59
CA ARG B 108 -9.59 -26.10 45.85
C ARG B 108 -8.87 -26.18 44.51
N THR B 109 -8.87 -25.07 43.77
CA THR B 109 -8.25 -25.04 42.44
C THR B 109 -7.31 -23.85 42.50
N PRO B 110 -6.31 -23.80 41.62
CA PRO B 110 -5.36 -22.73 41.70
C PRO B 110 -5.95 -21.35 41.44
N ALA B 111 -5.50 -20.36 42.18
CA ALA B 111 -5.85 -18.99 41.87
C ALA B 111 -4.58 -18.21 41.65
N LEU B 112 -4.39 -17.69 40.44
CA LEU B 112 -3.25 -16.83 40.19
C LEU B 112 -3.58 -15.43 40.69
N VAL B 113 -2.62 -14.82 41.39
CA VAL B 113 -2.74 -13.46 41.87
C VAL B 113 -1.81 -12.55 41.08
N PHE B 114 -2.32 -11.39 40.65
CA PHE B 114 -1.55 -10.47 39.81
C PHE B 114 -1.50 -9.06 40.40
N GLU B 115 -0.52 -8.29 39.94
CA GLU B 115 -0.45 -6.87 40.21
C GLU B 115 -1.76 -6.26 39.74
N HIS B 116 -2.23 -5.22 40.46
CA HIS B 116 -3.43 -4.51 40.06
C HIS B 116 -3.14 -3.70 38.80
N VAL B 117 -4.03 -3.81 37.80
CA VAL B 117 -4.07 -2.84 36.72
C VAL B 117 -5.51 -2.38 36.50
N ASN B 118 -5.69 -1.09 36.22
CA ASN B 118 -6.99 -0.56 35.82
C ASN B 118 -7.16 -0.79 34.33
N ASN B 119 -8.41 -0.99 33.89
CA ASN B 119 -8.69 -1.12 32.43
C ASN B 119 -9.62 0.00 31.96
N THR B 120 -9.08 1.00 31.29
CA THR B 120 -9.93 2.07 30.72
C THR B 120 -10.97 1.43 29.81
N ASP B 121 -12.24 1.78 29.98
CA ASP B 121 -13.35 1.14 29.21
C ASP B 121 -13.11 1.23 27.70
N PHE B 122 -13.24 0.10 26.98
CA PHE B 122 -13.03 0.08 25.52
C PHE B 122 -14.01 1.04 24.84
N LYS B 123 -15.28 0.98 25.23
CA LYS B 123 -16.30 1.93 24.70
C LYS B 123 -15.76 3.37 24.76
N GLN B 124 -15.35 3.82 25.95
CA GLN B 124 -14.74 5.17 26.07
C GLN B 124 -13.61 5.35 25.05
N LEU B 125 -12.94 4.26 24.67
CA LEU B 125 -11.78 4.36 23.77
C LEU B 125 -12.21 4.25 22.30
N TYR B 126 -13.00 3.23 21.95
CA TYR B 126 -13.36 2.98 20.53
C TYR B 126 -13.71 4.27 19.81
N GLN B 127 -14.13 5.30 20.53
CA GLN B 127 -14.55 6.50 19.81
C GLN B 127 -13.64 7.70 20.11
N THR B 128 -12.61 7.52 20.96
CA THR B 128 -11.73 8.61 21.37
C THR B 128 -10.28 8.34 20.98
N LEU B 129 -10.02 7.28 20.19
CA LEU B 129 -8.66 6.77 20.11
C LEU B 129 -7.75 7.74 19.37
N THR B 130 -7.98 7.99 18.08
CA THR B 130 -7.08 8.81 17.28
C THR B 130 -5.95 7.95 16.74
N ASP B 131 -5.48 8.36 15.55
CA ASP B 131 -4.41 7.69 14.84
C ASP B 131 -3.23 7.45 15.79
N TYR B 132 -2.85 8.52 16.51
CA TYR B 132 -1.67 8.49 17.33
C TYR B 132 -1.81 7.42 18.41
N ASP B 133 -2.91 7.46 19.18
CA ASP B 133 -3.10 6.55 20.29
C ASP B 133 -3.04 5.10 19.81
N ILE B 134 -3.57 4.80 18.62
CA ILE B 134 -3.53 3.44 18.11
C ILE B 134 -2.08 3.05 17.82
N ARG B 135 -1.33 3.98 17.25
CA ARG B 135 0.06 3.73 16.91
C ARG B 135 0.78 3.42 18.20
N PHE B 136 0.53 4.25 19.24
CA PHE B 136 1.19 4.15 20.53
C PHE B 136 1.00 2.75 21.11
N TYR B 137 -0.26 2.34 21.23
CA TYR B 137 -0.60 1.13 21.95
C TYR B 137 -0.22 -0.11 21.15
N MET B 138 -0.27 -0.01 19.80
CA MET B 138 0.18 -1.13 18.98
C MET B 138 1.69 -1.31 19.18
N TYR B 139 2.38 -0.18 19.39
CA TYR B 139 3.81 -0.22 19.70
C TYR B 139 4.01 -0.92 21.04
N GLU B 140 3.16 -0.58 22.02
CA GLU B 140 3.24 -1.21 23.33
C GLU B 140 3.00 -2.72 23.21
N ILE B 141 2.05 -3.14 22.36
CA ILE B 141 1.76 -4.56 22.22
C ILE B 141 2.95 -5.28 21.59
N LEU B 142 3.58 -4.63 20.60
CA LEU B 142 4.73 -5.20 19.94
C LEU B 142 5.92 -5.35 20.89
N LYS B 143 6.08 -4.44 21.85
CA LYS B 143 7.11 -4.63 22.88
C LYS B 143 6.91 -5.96 23.63
N ALA B 144 5.66 -6.34 23.86
CA ALA B 144 5.36 -7.52 24.64
C ALA B 144 5.54 -8.77 23.78
N LEU B 145 5.14 -8.65 22.52
CA LEU B 145 5.16 -9.79 21.63
C LEU B 145 6.61 -10.09 21.26
N ASP B 146 7.39 -9.02 21.04
CA ASP B 146 8.79 -9.25 20.74
C ASP B 146 9.45 -9.87 21.95
N TYR B 147 9.07 -9.44 23.15
CA TYR B 147 9.70 -9.97 24.35
C TYR B 147 9.33 -11.44 24.53
N CYS B 148 8.06 -11.79 24.40
CA CYS B 148 7.71 -13.17 24.68
C CYS B 148 8.28 -14.07 23.59
N HIS B 149 8.22 -13.63 22.33
CA HIS B 149 8.77 -14.37 21.20
C HIS B 149 10.28 -14.61 21.38
N SER B 150 10.98 -13.62 21.95
CA SER B 150 12.42 -13.68 22.16
C SER B 150 12.80 -14.58 23.33
N MET B 151 11.82 -14.78 24.22
CA MET B 151 11.91 -15.72 25.32
C MET B 151 11.25 -17.05 24.95
N GLY B 152 11.06 -17.31 23.65
CA GLY B 152 10.69 -18.63 23.19
C GLY B 152 9.22 -19.01 23.43
N ILE B 153 8.37 -17.99 23.63
CA ILE B 153 6.97 -18.19 23.98
C ILE B 153 6.09 -17.55 22.92
N MET B 154 5.08 -18.31 22.46
CA MET B 154 3.98 -17.76 21.68
C MET B 154 2.81 -17.54 22.63
N HIS B 155 2.08 -16.44 22.45
CA HIS B 155 0.92 -16.13 23.27
C HIS B 155 -0.29 -16.95 22.86
N ARG B 156 -0.55 -17.03 21.55
CA ARG B 156 -1.60 -17.93 21.01
C ARG B 156 -3.02 -17.51 21.40
N ASP B 157 -3.24 -16.28 21.86
CA ASP B 157 -4.59 -15.81 22.13
C ASP B 157 -4.59 -14.29 22.19
N VAL B 158 -3.91 -13.66 21.23
CA VAL B 158 -3.92 -12.21 21.14
C VAL B 158 -5.28 -11.76 20.63
N LYS B 159 -5.90 -10.84 21.37
CA LYS B 159 -7.18 -10.26 21.01
C LYS B 159 -7.47 -9.10 21.94
N PRO B 160 -8.34 -8.15 21.59
CA PRO B 160 -8.60 -7.03 22.48
C PRO B 160 -8.88 -7.44 23.95
N HIS B 161 -9.61 -8.54 24.15
CA HIS B 161 -10.02 -8.97 25.47
C HIS B 161 -8.79 -9.31 26.34
N ASN B 162 -7.61 -9.48 25.75
CA ASN B 162 -6.43 -9.89 26.48
C ASN B 162 -5.38 -8.78 26.48
N VAL B 163 -5.81 -7.55 26.17
CA VAL B 163 -4.93 -6.39 26.19
C VAL B 163 -5.62 -5.33 27.06
N MET B 164 -4.96 -4.94 28.13
CA MET B 164 -5.56 -4.00 29.05
C MET B 164 -4.86 -2.68 28.82
N ILE B 165 -5.64 -1.61 28.73
CA ILE B 165 -5.03 -0.31 28.60
C ILE B 165 -5.53 0.51 29.77
N ASP B 166 -4.57 0.99 30.56
CA ASP B 166 -4.77 2.03 31.56
C ASP B 166 -4.40 3.37 30.93
N HIS B 167 -5.39 4.05 30.32
CA HIS B 167 -5.21 5.25 29.52
C HIS B 167 -4.78 6.43 30.40
N GLU B 168 -5.20 6.45 31.67
CA GLU B 168 -4.76 7.50 32.58
C GLU B 168 -3.23 7.55 32.65
N HIS B 169 -2.57 6.38 32.67
CA HIS B 169 -1.12 6.30 32.85
C HIS B 169 -0.39 5.87 31.58
N ARG B 170 -1.09 5.86 30.45
CA ARG B 170 -0.51 5.40 29.19
C ARG B 170 0.23 4.08 29.40
N LYS B 171 -0.40 3.11 30.08
CA LYS B 171 0.23 1.81 30.25
C LYS B 171 -0.65 0.70 29.67
N LEU B 172 -0.05 -0.46 29.45
CA LEU B 172 -0.68 -1.52 28.71
C LEU B 172 -0.05 -2.84 29.16
N ARG B 173 -0.87 -3.89 29.27
CA ARG B 173 -0.40 -5.19 29.70
C ARG B 173 -1.02 -6.27 28.82
N LEU B 174 -0.22 -7.26 28.47
CA LEU B 174 -0.73 -8.37 27.70
C LEU B 174 -1.05 -9.47 28.70
N ILE B 175 -2.29 -9.99 28.65
CA ILE B 175 -2.74 -10.95 29.70
C ILE B 175 -3.24 -12.27 29.13
N ASP B 176 -3.82 -13.12 29.98
CA ASP B 176 -4.35 -14.46 29.60
C ASP B 176 -3.32 -15.32 28.88
N TRP B 177 -2.27 -15.71 29.61
CA TRP B 177 -1.20 -16.53 29.03
C TRP B 177 -1.53 -18.00 29.18
N GLY B 178 -2.78 -18.29 29.48
CA GLY B 178 -3.22 -19.67 29.66
C GLY B 178 -3.27 -20.47 28.37
N LEU B 179 -3.03 -19.86 27.20
CA LEU B 179 -2.97 -20.61 25.96
C LEU B 179 -1.55 -20.55 25.37
N ALA B 180 -0.74 -19.64 25.89
CA ALA B 180 0.64 -19.52 25.49
C ALA B 180 1.33 -20.86 25.68
N GLU B 181 2.37 -21.09 24.83
CA GLU B 181 3.14 -22.32 24.77
C GLU B 181 4.50 -21.97 24.18
N PHE B 182 5.51 -22.79 24.53
CA PHE B 182 6.90 -22.55 24.10
C PHE B 182 7.09 -23.00 22.65
N TYR B 183 7.93 -22.27 21.91
CA TYR B 183 8.18 -22.63 20.50
C TYR B 183 9.38 -23.55 20.42
N HIS B 184 9.20 -24.68 19.76
CA HIS B 184 10.31 -25.63 19.54
C HIS B 184 10.31 -25.96 18.05
N PRO B 185 11.42 -25.78 17.31
CA PRO B 185 11.47 -26.10 15.90
C PRO B 185 11.13 -27.58 15.73
N GLY B 186 10.09 -27.84 14.92
CA GLY B 186 9.70 -29.19 14.59
C GLY B 186 8.30 -29.51 15.10
N GLN B 187 7.94 -28.85 16.20
CA GLN B 187 6.78 -29.20 16.97
C GLN B 187 5.49 -28.86 16.23
N GLU B 188 4.62 -29.87 16.20
CA GLU B 188 3.25 -29.76 15.78
C GLU B 188 2.44 -29.38 17.02
N TYR B 189 1.66 -28.31 16.88
CA TYR B 189 0.89 -27.75 17.98
C TYR B 189 -0.59 -27.94 17.69
N ASN B 190 -1.40 -27.70 18.72
CA ASN B 190 -2.83 -27.81 18.60
C ASN B 190 -3.32 -26.56 17.88
N VAL B 191 -4.22 -26.75 16.92
CA VAL B 191 -4.76 -25.65 16.14
C VAL B 191 -5.97 -25.09 16.85
N ARG B 192 -6.44 -25.79 17.89
CA ARG B 192 -7.57 -25.34 18.69
C ARG B 192 -7.13 -24.28 19.70
N VAL B 193 -6.55 -23.20 19.18
CA VAL B 193 -6.20 -22.06 20.01
C VAL B 193 -6.73 -20.75 19.43
N ALA B 194 -6.56 -19.67 20.21
CA ALA B 194 -7.05 -18.33 19.87
C ALA B 194 -8.59 -18.30 19.81
N SER B 195 -9.16 -17.07 19.83
CA SER B 195 -10.57 -16.89 19.55
C SER B 195 -10.79 -16.70 18.05
N ARG B 196 -11.98 -17.08 17.60
CA ARG B 196 -12.25 -17.35 16.21
C ARG B 196 -11.86 -16.19 15.28
N TYR B 197 -12.06 -14.95 15.73
CA TYR B 197 -11.90 -13.83 14.83
C TYR B 197 -10.41 -13.59 14.56
N PHE B 198 -9.59 -14.15 15.47
CA PHE B 198 -8.15 -13.91 15.51
C PHE B 198 -7.33 -15.15 15.12
N LYS B 199 -8.00 -16.26 14.85
CA LYS B 199 -7.33 -17.43 14.34
C LYS B 199 -6.67 -17.10 13.01
N GLY B 200 -5.37 -17.34 12.94
CA GLY B 200 -4.65 -17.34 11.70
C GLY B 200 -5.09 -18.48 10.79
N PRO B 201 -4.85 -18.36 9.48
CA PRO B 201 -5.16 -19.40 8.51
C PRO B 201 -4.51 -20.77 8.77
N GLU B 202 -3.32 -20.75 9.36
CA GLU B 202 -2.65 -22.00 9.74
C GLU B 202 -3.58 -22.80 10.66
N LEU B 203 -4.31 -22.09 11.53
CA LEU B 203 -5.21 -22.77 12.41
C LEU B 203 -6.37 -23.30 11.61
N LEU B 204 -6.85 -22.52 10.64
CA LEU B 204 -8.13 -22.82 10.01
C LEU B 204 -7.99 -23.99 9.03
N VAL B 205 -6.75 -24.24 8.59
CA VAL B 205 -6.49 -25.26 7.58
C VAL B 205 -5.81 -26.47 8.22
N ASP B 206 -5.64 -26.41 9.54
CA ASP B 206 -5.05 -27.49 10.32
C ASP B 206 -3.59 -27.69 9.92
N TYR B 207 -2.83 -26.60 9.84
CA TYR B 207 -1.38 -26.65 9.68
C TYR B 207 -0.76 -26.44 11.07
N GLN B 208 -0.15 -27.50 11.61
CA GLN B 208 0.14 -27.52 13.03
C GLN B 208 1.54 -27.03 13.33
N MET B 209 2.41 -26.88 12.31
CA MET B 209 3.80 -26.57 12.59
C MET B 209 4.00 -25.06 12.63
N TYR B 210 3.16 -24.39 13.42
CA TYR B 210 3.14 -22.96 13.39
C TYR B 210 4.06 -22.42 14.47
N ASP B 211 4.04 -21.09 14.65
CA ASP B 211 5.03 -20.43 15.48
C ASP B 211 4.57 -19.04 15.89
N TYR B 212 5.51 -18.25 16.43
CA TYR B 212 5.24 -16.92 16.95
C TYR B 212 4.44 -16.07 15.96
N SER B 213 4.69 -16.30 14.66
CA SER B 213 4.03 -15.59 13.57
C SER B 213 2.50 -15.61 13.68
N LEU B 214 1.95 -16.64 14.34
CA LEU B 214 0.51 -16.71 14.57
C LEU B 214 0.03 -15.46 15.28
N ASP B 215 0.84 -14.98 16.25
CA ASP B 215 0.45 -13.85 17.08
C ASP B 215 0.31 -12.59 16.22
N MET B 216 1.09 -12.52 15.15
CA MET B 216 1.21 -11.31 14.36
C MET B 216 -0.01 -11.19 13.45
N TRP B 217 -0.57 -12.33 13.04
CA TRP B 217 -1.86 -12.35 12.34
C TRP B 217 -2.95 -11.75 13.20
N SER B 218 -2.99 -12.18 14.46
CA SER B 218 -4.03 -11.71 15.39
C SER B 218 -3.86 -10.21 15.57
N LEU B 219 -2.62 -9.77 15.73
CA LEU B 219 -2.37 -8.36 15.89
C LEU B 219 -2.91 -7.61 14.68
N GLY B 220 -2.74 -8.18 13.50
CA GLY B 220 -3.31 -7.59 12.30
C GLY B 220 -4.84 -7.48 12.37
N CYS B 221 -5.49 -8.59 12.75
CA CYS B 221 -6.94 -8.58 12.93
C CYS B 221 -7.38 -7.45 13.85
N MET B 222 -6.59 -7.18 14.90
CA MET B 222 -6.89 -6.10 15.81
C MET B 222 -6.69 -4.76 15.13
N LEU B 223 -5.53 -4.58 14.48
CA LEU B 223 -5.26 -3.30 13.82
C LEU B 223 -6.35 -2.99 12.81
N ALA B 224 -6.72 -4.00 12.04
CA ALA B 224 -7.80 -3.85 11.07
C ALA B 224 -9.09 -3.30 11.71
N SER B 225 -9.58 -3.89 12.79
CA SER B 225 -10.88 -3.48 13.31
C SER B 225 -10.77 -2.13 13.96
N MET B 226 -9.57 -1.74 14.42
CA MET B 226 -9.38 -0.42 14.97
C MET B 226 -9.46 0.67 13.88
N ILE B 227 -8.65 0.56 12.81
CA ILE B 227 -8.54 1.63 11.83
C ILE B 227 -9.75 1.67 10.89
N PHE B 228 -10.39 0.53 10.63
CA PHE B 228 -11.55 0.49 9.74
C PHE B 228 -12.88 0.59 10.45
N ARG B 229 -12.88 0.62 11.77
CA ARG B 229 -14.10 0.68 12.56
C ARG B 229 -15.01 -0.51 12.25
N LYS B 230 -14.42 -1.72 12.26
CA LYS B 230 -15.16 -2.96 12.02
C LYS B 230 -14.75 -4.08 12.99
N GLU B 231 -15.47 -4.20 14.12
CA GLU B 231 -15.24 -5.15 15.19
C GLU B 231 -16.25 -6.29 15.14
N PRO B 232 -15.86 -7.56 14.93
CA PRO B 232 -14.52 -7.97 14.49
C PRO B 232 -14.38 -7.79 12.98
N PHE B 233 -13.14 -7.77 12.47
CA PHE B 233 -12.89 -7.46 11.07
C PHE B 233 -13.26 -8.64 10.19
N PHE B 234 -12.68 -9.81 10.43
CA PHE B 234 -13.14 -11.04 9.79
C PHE B 234 -14.18 -11.68 10.71
N HIS B 235 -15.44 -11.69 10.26
CA HIS B 235 -16.56 -12.01 11.13
C HIS B 235 -17.20 -13.29 10.63
N GLY B 236 -16.50 -14.42 10.85
CA GLY B 236 -17.01 -15.72 10.49
C GLY B 236 -18.05 -16.26 11.48
N HIS B 237 -18.95 -17.12 10.98
CA HIS B 237 -19.98 -17.75 11.80
C HIS B 237 -19.40 -18.95 12.53
N ASP B 238 -18.34 -19.56 11.96
CA ASP B 238 -17.73 -20.80 12.40
C ASP B 238 -16.30 -20.81 11.86
N ASN B 239 -15.53 -21.86 12.16
CA ASN B 239 -14.11 -21.84 11.80
C ASN B 239 -13.93 -21.86 10.29
N TYR B 240 -14.83 -22.54 9.58
CA TYR B 240 -14.71 -22.64 8.14
C TYR B 240 -14.98 -21.29 7.48
N ASP B 241 -16.11 -20.71 7.87
CA ASP B 241 -16.60 -19.45 7.33
C ASP B 241 -15.61 -18.33 7.65
N GLN B 242 -14.82 -18.51 8.72
CA GLN B 242 -13.87 -17.50 9.09
C GLN B 242 -12.88 -17.37 7.94
N LEU B 243 -12.43 -18.51 7.41
CA LEU B 243 -11.45 -18.48 6.34
C LEU B 243 -12.10 -17.96 5.08
N VAL B 244 -13.42 -18.07 4.99
CA VAL B 244 -14.14 -17.52 3.86
C VAL B 244 -14.08 -15.99 3.91
N ARG B 245 -14.27 -15.44 5.12
CA ARG B 245 -14.29 -14.00 5.28
C ARG B 245 -12.93 -13.43 4.91
N ILE B 246 -11.86 -14.17 5.28
CA ILE B 246 -10.48 -13.82 4.98
C ILE B 246 -10.25 -13.86 3.47
N ALA B 247 -10.68 -14.98 2.88
CA ALA B 247 -10.53 -15.21 1.46
C ALA B 247 -11.18 -14.08 0.68
N LYS B 248 -12.30 -13.54 1.19
CA LYS B 248 -13.04 -12.50 0.50
C LYS B 248 -12.30 -11.16 0.55
N VAL B 249 -11.33 -11.01 1.45
CA VAL B 249 -10.48 -9.82 1.45
C VAL B 249 -9.11 -10.10 0.81
N LEU B 250 -8.43 -11.18 1.25
CA LEU B 250 -7.08 -11.47 0.81
C LEU B 250 -7.06 -12.27 -0.49
N GLY B 251 -8.25 -12.67 -0.97
CA GLY B 251 -8.41 -13.34 -2.24
C GLY B 251 -8.06 -14.82 -2.13
N THR B 252 -8.61 -15.66 -3.02
CA THR B 252 -8.42 -17.09 -2.89
C THR B 252 -7.14 -17.54 -3.56
N GLU B 253 -6.63 -16.75 -4.50
CA GLU B 253 -5.45 -17.19 -5.20
C GLU B 253 -4.28 -17.33 -4.23
N ASP B 254 -4.01 -16.32 -3.41
CA ASP B 254 -2.92 -16.44 -2.44
C ASP B 254 -3.14 -17.60 -1.48
N LEU B 255 -4.38 -17.90 -1.11
CA LEU B 255 -4.70 -18.99 -0.20
C LEU B 255 -4.24 -20.32 -0.79
N TYR B 256 -4.63 -20.63 -2.02
CA TYR B 256 -4.34 -21.95 -2.58
C TYR B 256 -2.84 -22.10 -2.84
N ASP B 257 -2.16 -21.00 -3.23
CA ASP B 257 -0.71 -21.02 -3.34
C ASP B 257 -0.07 -21.45 -2.03
N TYR B 258 -0.61 -20.92 -0.93
CA TYR B 258 -0.20 -21.26 0.43
C TYR B 258 -0.41 -22.74 0.73
N ILE B 259 -1.61 -23.28 0.41
CA ILE B 259 -1.86 -24.68 0.74
C ILE B 259 -0.88 -25.51 -0.08
N ASP B 260 -0.61 -25.09 -1.33
CA ASP B 260 0.28 -25.83 -2.22
C ASP B 260 1.71 -25.79 -1.70
N LYS B 261 2.16 -24.62 -1.23
CA LYS B 261 3.55 -24.46 -0.82
C LYS B 261 3.83 -25.45 0.29
N TYR B 262 2.90 -25.55 1.25
CA TYR B 262 3.06 -26.38 2.43
C TYR B 262 2.35 -27.73 2.26
N ASN B 263 1.86 -28.00 1.05
CA ASN B 263 1.24 -29.27 0.73
C ASN B 263 0.25 -29.66 1.82
N ILE B 264 -0.66 -28.72 2.07
CA ILE B 264 -1.70 -28.85 3.07
C ILE B 264 -2.93 -29.51 2.47
N GLU B 265 -3.55 -30.42 3.22
CA GLU B 265 -4.74 -31.09 2.76
C GLU B 265 -5.95 -30.34 3.31
N LEU B 266 -6.77 -29.79 2.41
CA LEU B 266 -7.96 -29.07 2.79
C LEU B 266 -9.13 -30.02 2.98
N ASP B 267 -9.79 -29.86 4.12
CA ASP B 267 -11.09 -30.49 4.36
C ASP B 267 -11.97 -30.31 3.11
N PRO B 268 -12.46 -31.41 2.47
CA PRO B 268 -13.37 -31.30 1.33
C PRO B 268 -14.50 -30.28 1.44
N ARG B 269 -14.92 -30.01 2.70
CA ARG B 269 -15.90 -28.98 3.06
C ARG B 269 -15.52 -27.64 2.44
N PHE B 270 -14.34 -27.16 2.79
CA PHE B 270 -13.80 -25.91 2.27
C PHE B 270 -13.90 -25.81 0.74
N ASN B 271 -13.68 -26.91 0.02
CA ASN B 271 -13.52 -26.85 -1.42
C ASN B 271 -14.74 -26.24 -2.09
N ASP B 272 -15.93 -26.56 -1.57
CA ASP B 272 -17.15 -26.09 -2.19
C ASP B 272 -17.72 -24.94 -1.36
N ILE B 273 -16.89 -24.23 -0.58
CA ILE B 273 -17.40 -23.13 0.24
C ILE B 273 -16.49 -21.89 0.10
N LEU B 274 -15.20 -22.08 -0.19
CA LEU B 274 -14.28 -20.96 -0.34
C LEU B 274 -14.67 -20.11 -1.56
N GLY B 275 -14.75 -20.73 -2.74
CA GLY B 275 -15.10 -20.02 -3.94
C GLY B 275 -13.85 -19.51 -4.65
N ARG B 276 -14.04 -18.59 -5.62
CA ARG B 276 -12.96 -17.86 -6.28
C ARG B 276 -13.21 -16.36 -6.04
N HIS B 277 -12.34 -15.73 -5.24
CA HIS B 277 -12.48 -14.31 -4.90
C HIS B 277 -11.15 -13.58 -5.13
N SER B 278 -11.25 -12.29 -5.47
CA SER B 278 -10.10 -11.46 -5.70
C SER B 278 -9.60 -10.85 -4.39
N ARG B 279 -8.27 -10.59 -4.33
CA ARG B 279 -7.71 -9.81 -3.24
C ARG B 279 -8.26 -8.40 -3.34
N LYS B 280 -8.81 -7.86 -2.25
CA LYS B 280 -9.36 -6.52 -2.28
C LYS B 280 -8.30 -5.50 -1.87
N ARG B 281 -8.36 -4.33 -2.49
CA ARG B 281 -7.60 -3.18 -2.02
C ARG B 281 -8.22 -2.67 -0.73
N TRP B 282 -7.41 -2.11 0.16
CA TRP B 282 -7.88 -1.75 1.48
C TRP B 282 -8.85 -0.58 1.40
N GLU B 283 -8.81 0.15 0.29
CA GLU B 283 -9.61 1.40 0.17
C GLU B 283 -11.12 1.19 0.27
N ARG B 284 -11.60 -0.02 0.02
CA ARG B 284 -13.05 -0.19 0.03
C ARG B 284 -13.55 -0.40 1.45
N PHE B 285 -12.63 -0.37 2.42
CA PHE B 285 -13.00 -0.47 3.82
C PHE B 285 -12.84 0.93 4.40
N VAL B 286 -12.39 1.88 3.58
CA VAL B 286 -12.20 3.25 4.02
C VAL B 286 -13.46 4.04 3.70
N HIS B 287 -13.96 4.75 4.70
CA HIS B 287 -15.19 5.54 4.53
C HIS B 287 -14.87 6.96 5.01
N SER B 288 -15.77 7.56 5.78
CA SER B 288 -15.56 8.95 6.22
C SER B 288 -15.34 8.94 7.72
N GLU B 289 -15.89 7.92 8.37
CA GLU B 289 -15.82 7.84 9.85
C GLU B 289 -14.52 7.15 10.27
N ASN B 290 -13.71 6.67 9.31
CA ASN B 290 -12.50 5.91 9.67
C ASN B 290 -11.25 6.59 9.13
N GLN B 291 -11.35 7.28 8.00
CA GLN B 291 -10.14 7.86 7.36
C GLN B 291 -9.16 8.40 8.40
N HIS B 292 -9.64 9.17 9.37
CA HIS B 292 -8.72 9.83 10.33
C HIS B 292 -7.68 8.85 10.85
N LEU B 293 -7.94 7.55 10.76
CA LEU B 293 -7.03 6.56 11.36
C LEU B 293 -6.23 5.84 10.27
N VAL B 294 -6.74 5.97 9.04
CA VAL B 294 -6.15 5.28 7.91
C VAL B 294 -5.16 6.21 7.22
N SER B 295 -4.03 5.64 6.88
CA SER B 295 -2.91 6.35 6.30
C SER B 295 -2.16 5.33 5.45
N PRO B 296 -1.53 5.75 4.33
CA PRO B 296 -0.68 4.86 3.55
C PRO B 296 0.24 4.13 4.53
N GLU B 297 0.71 4.86 5.56
CA GLU B 297 1.52 4.24 6.59
C GLU B 297 0.82 3.00 7.23
N ALA B 298 -0.39 3.25 7.73
CA ALA B 298 -1.20 2.14 8.25
C ALA B 298 -1.48 0.89 7.43
N LEU B 299 -1.75 1.09 6.13
CA LEU B 299 -2.18 0.03 5.25
C LEU B 299 -0.98 -0.79 4.81
N ASP B 300 0.16 -0.14 4.60
CA ASP B 300 1.39 -0.89 4.34
C ASP B 300 1.63 -1.81 5.52
N PHE B 301 1.55 -1.28 6.74
CA PHE B 301 1.85 -2.07 7.92
C PHE B 301 0.87 -3.25 8.03
N LEU B 302 -0.42 -2.97 7.83
CA LEU B 302 -1.45 -4.00 7.99
C LEU B 302 -1.28 -5.13 6.98
N ASP B 303 -1.03 -4.74 5.72
CA ASP B 303 -0.92 -5.69 4.62
C ASP B 303 0.20 -6.68 4.95
N LYS B 304 1.24 -6.19 5.66
CA LYS B 304 2.43 -6.98 5.91
C LYS B 304 2.30 -7.85 7.16
N LEU B 305 1.14 -7.78 7.84
CA LEU B 305 0.77 -8.72 8.88
C LEU B 305 -0.19 -9.74 8.31
N LEU B 306 -1.24 -9.28 7.62
CA LEU B 306 -2.35 -10.15 7.26
C LEU B 306 -2.06 -10.90 5.96
N ARG B 307 -1.33 -12.01 6.12
CA ARG B 307 -0.71 -12.72 5.05
C ARG B 307 -0.86 -14.20 5.36
N TYR B 308 -1.45 -14.98 4.43
CA TYR B 308 -1.72 -16.39 4.70
C TYR B 308 -0.48 -17.14 5.15
N ASP B 309 0.60 -16.96 4.39
CA ASP B 309 1.87 -17.58 4.70
C ASP B 309 2.46 -16.94 5.97
N HIS B 310 2.46 -17.73 7.04
CA HIS B 310 3.05 -17.32 8.30
C HIS B 310 4.50 -16.87 8.15
N GLN B 311 5.27 -17.51 7.25
CA GLN B 311 6.69 -17.22 7.12
C GLN B 311 6.89 -15.83 6.56
N SER B 312 5.85 -15.23 5.97
CA SER B 312 6.04 -13.97 5.27
C SER B 312 5.39 -12.79 5.99
N ARG B 313 4.90 -12.99 7.21
CA ARG B 313 4.34 -11.89 7.99
C ARG B 313 5.50 -11.14 8.65
N LEU B 314 5.30 -9.88 9.01
CA LEU B 314 6.35 -9.21 9.74
C LEU B 314 6.58 -9.93 11.06
N THR B 315 7.81 -9.84 11.54
CA THR B 315 8.09 -10.17 12.92
C THR B 315 7.71 -8.98 13.80
N ALA B 316 7.71 -9.21 15.10
CA ALA B 316 7.42 -8.17 16.08
C ALA B 316 8.43 -7.04 15.94
N ARG B 317 9.72 -7.40 15.85
CA ARG B 317 10.74 -6.39 15.68
C ARG B 317 10.53 -5.61 14.38
N GLU B 318 10.36 -6.32 13.27
CA GLU B 318 10.19 -5.66 12.00
C GLU B 318 9.03 -4.68 12.08
N ALA B 319 7.92 -5.15 12.68
CA ALA B 319 6.72 -4.35 12.86
C ALA B 319 7.05 -3.04 13.57
N MET B 320 7.85 -3.13 14.64
CA MET B 320 8.20 -1.98 15.46
C MET B 320 9.01 -0.95 14.66
N GLU B 321 9.71 -1.42 13.62
CA GLU B 321 10.59 -0.59 12.83
C GLU B 321 9.86 0.01 11.63
N HIS B 322 8.62 -0.42 11.40
CA HIS B 322 7.82 0.09 10.30
C HIS B 322 7.60 1.60 10.42
N PRO B 323 7.52 2.34 9.29
CA PRO B 323 7.21 3.77 9.31
C PRO B 323 5.98 4.18 10.09
N TYR B 324 5.00 3.29 10.21
CA TYR B 324 3.76 3.58 10.93
C TYR B 324 4.05 4.07 12.35
N PHE B 325 5.19 3.64 12.93
CA PHE B 325 5.54 3.97 14.30
C PHE B 325 6.57 5.09 14.41
N TYR B 326 6.98 5.70 13.29
CA TYR B 326 8.14 6.60 13.27
C TYR B 326 7.88 7.72 14.26
N THR B 327 6.63 8.22 14.36
CA THR B 327 6.37 9.39 15.16
C THR B 327 6.23 9.01 16.63
N VAL B 328 6.17 7.72 16.92
CA VAL B 328 6.01 7.26 18.33
C VAL B 328 7.39 6.82 18.82
N VAL B 329 8.22 6.29 17.93
CA VAL B 329 9.60 5.93 18.36
C VAL B 329 10.35 7.23 18.63
N LYS B 330 9.98 8.30 17.94
CA LYS B 330 10.66 9.61 18.14
C LYS B 330 10.30 10.13 19.52
N ASP B 331 9.01 10.32 19.79
CA ASP B 331 8.57 10.90 21.08
C ASP B 331 9.00 9.97 22.22
N GLN B 332 9.51 8.79 21.90
CA GLN B 332 10.02 7.87 22.95
C GLN B 332 11.55 7.84 22.87
S SO4 C . 2.71 -10.96 -3.86
O1 SO4 C . 3.11 -11.76 -5.00
O2 SO4 C . 3.17 -11.65 -2.67
O3 SO4 C . 3.31 -9.67 -3.95
O4 SO4 C . 1.27 -10.81 -3.85
S SO4 D . 0.14 26.78 -44.16
O1 SO4 D . 1.34 26.35 -44.81
O2 SO4 D . -0.01 26.06 -42.90
O3 SO4 D . 0.21 28.19 -43.93
O4 SO4 D . -1.00 26.54 -45.02
S SO4 E . 17.36 4.68 -34.25
O1 SO4 E . 17.99 3.54 -34.93
O2 SO4 E . 18.38 5.44 -33.57
O3 SO4 E . 16.69 5.52 -35.19
O4 SO4 E . 16.40 4.22 -33.27
S SO4 F . 7.76 -5.97 -13.75
O1 SO4 F . 8.47 -6.05 -15.01
O2 SO4 F . 8.72 -5.86 -12.68
O3 SO4 F . 6.89 -4.82 -13.73
O4 SO4 F . 6.98 -7.16 -13.55
S SO4 G . 9.89 28.60 -13.88
O1 SO4 G . 10.28 28.16 -12.56
O2 SO4 G . 11.08 29.00 -14.59
O3 SO4 G . 9.24 27.53 -14.57
O4 SO4 G . 8.97 29.71 -13.80
S SO4 H . 1.10 -15.15 -11.63
O1 SO4 H . 2.35 -15.14 -12.44
O2 SO4 H . 1.38 -15.23 -10.21
O3 SO4 H . 0.40 -13.94 -11.88
O4 SO4 H . 0.21 -16.26 -12.01
S SO4 I . -4.09 11.26 -33.98
O1 SO4 I . -4.58 10.53 -35.13
O2 SO4 I . -3.05 10.55 -33.29
O3 SO4 I . -3.51 12.48 -34.42
O4 SO4 I . -5.21 11.45 -33.08
C1 EDO J . 6.11 28.40 -18.03
O1 EDO J . 5.36 29.04 -19.06
C2 EDO J . 5.72 28.74 -16.62
O2 EDO J . 6.30 27.88 -15.63
O1 A1H6J K . 17.35 17.66 -26.41
S2 A1H6J K . 16.10 17.56 -27.09
C3 A1H6J K . 15.23 19.06 -26.80
C4 A1H6J K . 15.84 20.08 -26.05
C5 A1H6J K . 15.12 21.24 -25.74
C6 A1H6J K . 13.80 21.38 -26.18
C7 A1H6J K . 13.22 20.34 -26.94
S8 A1H6J K . 11.58 20.74 -27.35
C9 A1H6J K . 11.79 22.24 -26.47
N10 A1H6J K . 12.94 22.46 -25.92
C11 A1H6J K . 13.92 19.18 -27.25
N12 A1H6J K . 15.27 16.38 -26.36
C13 A1H6J K . 15.70 15.01 -26.73
C14 A1H6J K . 15.43 14.64 -28.18
O15 A1H6J K . 14.17 14.92 -28.55
C16 A1H6J K . 13.78 14.58 -29.91
O17 A1H6J K . 16.24 14.12 -28.90
C18 A1H6J K . 15.09 16.63 -24.90
C19 A1H6J K . 14.59 15.46 -24.07
C20 A1H6J K . 15.45 15.17 -22.85
C21 A1H6J K . 15.01 13.96 -22.01
C22 A1H6J K . 14.49 14.34 -20.64
N23 A1H6J K . 14.53 13.20 -19.69
C24 A1H6J K . 14.92 13.63 -18.32
C25 A1H6J K . 14.03 13.06 -17.23
C26 A1H6J K . 12.66 13.30 -17.22
C27 A1H6J K . 11.86 12.94 -16.15
C28 A1H6J K . 12.43 12.32 -15.02
C29 A1H6J K . 11.55 12.05 -13.84
C30 A1H6J K . 11.66 12.80 -12.68
C31 A1H6J K . 10.90 12.49 -11.55
C32 A1H6J K . 10.03 11.42 -11.59
C33 A1H6J K . 9.91 10.66 -12.74
C34 A1H6J K . 10.66 10.97 -13.86
C35 A1H6J K . 13.82 12.08 -15.05
CL36 A1H6J K . 14.61 11.20 -13.77
C37 A1H6J K . 14.60 12.45 -16.12
O38 A1H6J K . 16.07 17.27 -28.49
S SO4 L . -10.63 -3.38 -5.20
O1 SO4 L . -9.64 -4.42 -5.01
O2 SO4 L . -10.00 -2.08 -5.18
O3 SO4 L . -11.64 -3.44 -4.15
O4 SO4 L . -11.26 -3.57 -6.49
S SO4 M . -6.10 -11.41 -7.26
O1 SO4 M . -6.27 -12.71 -6.69
O2 SO4 M . -4.71 -11.00 -7.14
O3 SO4 M . -6.94 -10.45 -6.57
O4 SO4 M . -6.47 -11.48 -8.66
S SO4 N . -6.86 -33.85 28.17
O1 SO4 N . -6.63 -33.76 29.57
O2 SO4 N . -6.52 -35.18 27.71
O3 SO4 N . -6.07 -32.86 27.49
O4 SO4 N . -8.26 -33.59 27.90
S SO4 O . -20.72 -8.83 8.95
O1 SO4 O . -19.39 -8.92 9.51
O2 SO4 O . -21.15 -10.13 8.44
O3 SO4 O . -20.67 -7.86 7.88
O4 SO4 O . -21.62 -8.40 9.99
S SO4 P . -3.49 -33.87 34.60
O1 SO4 P . -2.80 -32.61 34.57
O2 SO4 P . -2.64 -34.84 35.20
O3 SO4 P . -3.81 -34.28 33.25
O4 SO4 P . -4.70 -33.75 35.39
S SO4 Q . -5.18 -31.57 44.98
O1 SO4 Q . -4.33 -30.42 45.13
O2 SO4 Q . -4.57 -32.71 45.62
O3 SO4 Q . -5.38 -31.87 43.58
O4 SO4 Q . -6.46 -31.29 45.62
S SO4 R . -13.37 -14.73 49.73
O1 SO4 R . -12.34 -15.49 49.07
O2 SO4 R . -12.76 -13.74 50.60
O3 SO4 R . -14.17 -14.06 48.75
O4 SO4 R . -14.20 -15.63 50.51
S SO4 S . 5.20 0.29 33.60
O1 SO4 S . 5.81 -0.78 32.84
O2 SO4 S . 5.09 -0.08 34.99
O3 SO4 S . 6.02 1.46 33.50
O4 SO4 S . 3.88 0.59 33.06
S SO4 T . -14.73 -8.28 6.46
O1 SO4 T . -14.88 -9.18 5.33
O2 SO4 T . -13.48 -8.56 7.11
O3 SO4 T . -14.74 -6.90 6.02
O4 SO4 T . -15.80 -8.52 7.41
S SO4 U . -12.64 -23.90 18.27
O1 SO4 U . -12.44 -24.59 17.02
O2 SO4 U . -11.35 -23.64 18.89
O3 SO4 U . -13.44 -24.73 19.15
O4 SO4 U . -13.34 -22.66 18.04
S SO4 V . -15.43 -11.10 -5.36
O1 SO4 V . -15.30 -11.76 -4.08
O2 SO4 V . -14.27 -10.29 -5.67
O3 SO4 V . -16.56 -10.23 -5.30
O4 SO4 V . -15.58 -12.10 -6.41
S SO4 W . -3.02 -26.88 24.02
O1 SO4 W . -2.27 -27.80 24.81
O2 SO4 W . -2.34 -26.66 22.78
O3 SO4 W . -3.16 -25.64 24.71
O4 SO4 W . -4.32 -27.42 23.74
C1 EDO X . 8.00 -12.49 16.04
O1 EDO X . 9.05 -11.78 16.70
C2 EDO X . 8.41 -13.51 14.98
O2 EDO X . 7.35 -14.17 14.24
O1 A1H6J Y . -11.87 -7.34 33.86
S2 A1H6J Y . -11.22 -8.55 33.51
C3 A1H6J Y . -9.56 -8.44 34.09
C4 A1H6J Y . -9.19 -7.35 34.89
C5 A1H6J Y . -7.93 -7.33 35.47
C6 A1H6J Y . -7.03 -8.38 35.24
C7 A1H6J Y . -7.44 -9.45 34.42
S8 A1H6J Y . -6.19 -10.65 34.36
C9 A1H6J Y . -5.23 -9.65 35.41
N10 A1H6J Y . -5.76 -8.52 35.80
C11 A1H6J Y . -8.70 -9.48 33.84
N12 A1H6J Y . -11.21 -8.63 31.87
C13 A1H6J Y . -12.16 -9.55 31.23
C14 A1H6J Y . -11.87 -11.03 31.40
O15 A1H6J Y . -10.54 -11.25 31.52
C16 A1H6J Y . -10.11 -12.62 31.69
O17 A1H6J Y . -12.70 -11.90 31.41
C18 A1H6J Y . -11.23 -7.36 31.12
C19 A1H6J Y . -9.95 -7.07 30.36
C20 A1H6J Y . -10.15 -6.75 28.87
C21 A1H6J Y . -9.97 -5.28 28.47
C22 A1H6J Y . -10.59 -4.98 27.12
N23 A1H6J Y . -9.56 -4.68 26.10
C24 A1H6J Y . -9.42 -3.21 25.88
C25 A1H6J Y . -8.80 -2.95 24.53
C26 A1H6J Y . -7.59 -3.52 24.19
C27 A1H6J Y . -6.93 -3.18 23.02
C28 A1H6J Y . -7.45 -2.24 22.16
C29 A1H6J Y . -6.56 -1.74 21.09
C30 A1H6J Y . -6.47 -2.41 19.86
C31 A1H6J Y . -5.65 -1.92 18.85
C32 A1H6J Y . -4.90 -0.77 19.05
C33 A1H6J Y . -4.97 -0.11 20.25
C34 A1H6J Y . -5.80 -0.59 21.27
C35 A1H6J Y . -8.71 -1.67 22.51
CL36 A1H6J Y . -9.57 -0.58 21.47
C37 A1H6J Y . -9.36 -2.02 23.68
O38 A1H6J Y . -11.76 -9.80 33.94
#